data_6H57
#
_entry.id   6H57
#
_cell.length_a   57.314
_cell.length_b   115.800
_cell.length_c   157.479
_cell.angle_alpha   90.000
_cell.angle_beta   90.000
_cell.angle_gamma   90.000
#
_symmetry.space_group_name_H-M   'P 21 21 21'
#
loop_
_entity.id
_entity.type
_entity.pdbx_description
1 polymer 'Probable ATP-dependent RNA helicase DHR1'
2 non-polymer 1,2-ETHANEDIOL
3 non-polymer 'MAGNESIUM ION'
4 non-polymer 'CHLORIDE ION'
5 water water
#
_entity_poly.entity_id   1
_entity_poly.type   'polypeptide(L)'
_entity_poly.pdbx_seq_one_letter_code
;MGTYRKRFNEKARSGHMAKLKELKRIRNKQFTRQDENDERVENPDSAPAESSTTEPNANAEILEPLTEEEKKMKKRKLQE
LFTPKESKVSRLKKKRLDKFIEHQLKREERKTIIGKLQDYKIDTSLLTSSKRLGEGRQTKKEEFKEALSLERQGRGNEQT
NEILYEEYEPKVWDEYGEGGSSEDDDGEDDFEASFGSMPKPTDNEEKKSSGFIDHRPAKFGGSGLSFGFSNIKVINKESK
TPKKKYNWRQRVEMEELKKHGKEDEMDFDTTSEDDDEEEDQEEEDKMHPSENPLEEVESADSETGSEKFDQNDVANEFKD
WANQEIKKLEGRDQELVTPTLNIDYKPIIRKEDLDDGLQEAYVPINENSTRKAFYVEVSRSDEIQKARIQLPVFGEEHKI
MEAIHHNDVVIICGETGSGKTTQVPQFLYEAGFGAEDSPDYPGMVGITQPRRVAAVSMAERVANELGDHGHKVGYQIRFD
STAKEDTKVKFMTDGVLLREMMHDFKLTKYSSIIIDEAHERNINTDILIGMLSRCVRLRAKLHKENPIEHKKLKLIIMSA
TLRVSDFSENKTLFPIAPPVLQVDARQFPVSIHFNRRTAFNYTDEAFRKTCKIHQKLPPGAILVFLTGQQEITHMVKRLR
KEFPFKKNSKYNKDLETPVSKMGINSKTTDLEAEDIDFSVQVIDQDKFKSAIRYEEDEGNSGNGEDEEDEEEEGFEEVLT
EGQTANDPLYVLPLYSLLPTKEQMRVFQKPPQGSRLCIVATNVAETSLTIPGVRYVVDSGRSKERKYNESNGVQSFEVGW
VSKASANQRSGRAGRTGPGHCYRLYSSAVFEHDFEQFSKPEILRMPVESIVLQMKSMAIHNIINFPFPTPPDRVALSKAI
QLLQYLGALDNKEMITEDGKKMSLFPLSPRFSKMLLVSDEKACLPYIVAIVSALSVGDPFINEFELGINEISRKPNPDEN
LDDKIREHDESTPGMDPELKKELRSKFYKSRSQFSKLDKFSDVFRLLSVVSAMDYVPKEQKEIFMKKNFLRGKLMEEIVK
LRKQLMYIIKSNTSKENIAVVIRNEDLKSDIPSVIQIKLLKQMICAGFVDHVAVRADVLFPDDAKITNRTSIINIPYIPV
LATRTPNIEDCFVYIHPTSILNNLGEMPPKYMLYYSLHLGGNNKTRMNTLCDIASTPLANIARKGLLLTYSKPLTGQGLK
TVNLSPTERYCYVVPRFGSTVDNDLKIGWDLNPIAVHQKKQKGQWTVIKFITRKGFQTITGEEKEKK
;
_entity_poly.pdbx_strand_id   A
#
loop_
_chem_comp.id
_chem_comp.type
_chem_comp.name
_chem_comp.formula
CL non-polymer 'CHLORIDE ION' 'Cl -1'
EDO non-polymer 1,2-ETHANEDIOL 'C2 H6 O2'
MG non-polymer 'MAGNESIUM ION' 'Mg 2'
#
# COMPACT_ATOMS: atom_id res chain seq x y z
N ALA A 373 39.90 -17.47 -9.67
CA ALA A 373 39.75 -17.80 -11.09
C ALA A 373 38.80 -19.00 -11.28
N PHE A 374 39.34 -20.23 -11.54
CA PHE A 374 38.58 -21.49 -11.71
C PHE A 374 37.72 -21.75 -10.46
N TYR A 375 38.37 -21.72 -9.28
CA TYR A 375 37.78 -21.93 -7.96
C TYR A 375 38.62 -21.18 -6.90
N VAL A 376 37.96 -20.77 -5.77
CA VAL A 376 38.63 -20.08 -4.65
C VAL A 376 38.61 -20.97 -3.41
N GLU A 377 39.79 -21.27 -2.86
CA GLU A 377 39.95 -22.11 -1.69
C GLU A 377 39.75 -21.30 -0.39
N VAL A 378 38.65 -21.61 0.32
CA VAL A 378 38.25 -20.98 1.58
C VAL A 378 38.48 -21.95 2.75
N SER A 379 39.14 -21.47 3.84
CA SER A 379 39.43 -22.25 5.03
C SER A 379 38.49 -21.85 6.18
N ARG A 380 37.71 -22.82 6.67
CA ARG A 380 36.74 -22.59 7.75
C ARG A 380 37.00 -23.54 8.91
N SER A 381 36.66 -23.11 10.16
CA SER A 381 36.81 -23.92 11.36
C SER A 381 35.81 -25.07 11.34
N ASP A 382 36.14 -26.17 12.04
CA ASP A 382 35.32 -27.37 12.11
C ASP A 382 33.93 -27.13 12.66
N GLU A 383 33.79 -26.19 13.63
CA GLU A 383 32.52 -25.81 14.23
C GLU A 383 31.64 -25.11 13.17
N ILE A 384 32.21 -24.13 12.43
CA ILE A 384 31.57 -23.36 11.35
C ILE A 384 31.23 -24.28 10.15
N GLN A 385 32.14 -25.19 9.76
CA GLN A 385 31.94 -26.09 8.63
C GLN A 385 30.85 -27.16 8.88
N LYS A 386 30.81 -27.75 10.10
CA LYS A 386 29.84 -28.77 10.49
C LYS A 386 28.43 -28.16 10.56
N ALA A 387 28.33 -26.89 11.03
CA ALA A 387 27.09 -26.14 11.12
C ALA A 387 26.50 -25.91 9.72
N ARG A 388 27.38 -25.70 8.71
CA ARG A 388 27.02 -25.49 7.31
C ARG A 388 26.46 -26.77 6.66
N ILE A 389 27.08 -27.97 6.91
CA ILE A 389 26.63 -29.27 6.37
C ILE A 389 25.20 -29.62 6.83
N GLN A 390 24.79 -29.10 8.01
CA GLN A 390 23.46 -29.31 8.62
C GLN A 390 22.33 -28.62 7.84
N LEU A 391 22.64 -27.46 7.21
CA LEU A 391 21.68 -26.69 6.42
C LEU A 391 21.17 -27.50 5.22
N PRO A 392 19.82 -27.48 4.97
CA PRO A 392 19.26 -28.20 3.81
C PRO A 392 19.82 -27.84 2.42
N VAL A 393 20.25 -26.56 2.22
CA VAL A 393 20.77 -26.10 0.93
C VAL A 393 22.19 -26.61 0.65
N PHE A 394 22.95 -26.98 1.70
CA PHE A 394 24.35 -27.41 1.54
C PHE A 394 24.59 -28.46 0.44
N GLY A 395 23.77 -29.51 0.39
CA GLY A 395 23.88 -30.55 -0.62
C GLY A 395 23.36 -30.16 -1.99
N GLU A 396 22.67 -28.99 -2.08
CA GLU A 396 22.11 -28.49 -3.33
C GLU A 396 23.10 -27.65 -4.15
N GLU A 397 24.32 -27.45 -3.63
CA GLU A 397 25.40 -26.65 -4.22
C GLU A 397 25.66 -26.93 -5.70
N HIS A 398 25.81 -28.20 -6.08
CA HIS A 398 26.11 -28.61 -7.45
C HIS A 398 24.95 -28.34 -8.43
N LYS A 399 23.69 -28.57 -8.01
CA LYS A 399 22.49 -28.33 -8.85
C LYS A 399 22.31 -26.84 -9.09
N ILE A 400 22.52 -26.03 -8.03
CA ILE A 400 22.44 -24.57 -8.07
C ILE A 400 23.46 -24.00 -9.04
N MET A 401 24.73 -24.39 -8.89
CA MET A 401 25.84 -23.93 -9.71
C MET A 401 25.73 -24.41 -11.18
N GLU A 402 25.19 -25.61 -11.44
CA GLU A 402 24.96 -26.11 -12.81
C GLU A 402 23.91 -25.23 -13.52
N ALA A 403 22.86 -24.82 -12.79
CA ALA A 403 21.81 -23.95 -13.29
C ALA A 403 22.38 -22.55 -13.60
N ILE A 404 23.14 -21.93 -12.68
CA ILE A 404 23.77 -20.62 -12.85
C ILE A 404 24.72 -20.60 -14.09
N HIS A 405 25.53 -21.65 -14.29
CA HIS A 405 26.45 -21.80 -15.44
C HIS A 405 25.72 -21.77 -16.80
N HIS A 406 24.58 -22.45 -16.90
CA HIS A 406 23.79 -22.58 -18.13
C HIS A 406 22.67 -21.56 -18.27
N ASN A 407 22.33 -20.84 -17.19
CA ASN A 407 21.23 -19.86 -17.19
C ASN A 407 21.62 -18.55 -16.54
N ASP A 408 21.35 -17.43 -17.25
CA ASP A 408 21.61 -16.08 -16.75
C ASP A 408 20.60 -15.69 -15.70
N VAL A 409 19.41 -16.33 -15.71
CA VAL A 409 18.36 -16.13 -14.70
C VAL A 409 18.02 -17.49 -14.07
N VAL A 410 18.01 -17.54 -12.73
CA VAL A 410 17.67 -18.72 -11.92
C VAL A 410 16.74 -18.28 -10.79
N ILE A 411 15.71 -19.07 -10.50
CA ILE A 411 14.79 -18.86 -9.39
C ILE A 411 15.06 -19.95 -8.37
N ILE A 412 15.31 -19.57 -7.09
CA ILE A 412 15.58 -20.51 -6.01
C ILE A 412 14.49 -20.47 -4.96
N CYS A 413 13.78 -21.61 -4.76
CA CYS A 413 12.73 -21.77 -3.75
C CYS A 413 13.23 -22.61 -2.59
N GLY A 414 13.18 -22.04 -1.41
CA GLY A 414 13.58 -22.67 -0.18
C GLY A 414 13.05 -21.85 0.96
N GLU A 415 12.55 -22.49 1.99
CA GLU A 415 11.99 -21.79 3.15
C GLU A 415 13.07 -21.12 3.99
N THR A 416 12.67 -20.24 4.93
CA THR A 416 13.63 -19.61 5.85
C THR A 416 14.08 -20.76 6.79
N GLY A 417 15.39 -20.97 6.85
CA GLY A 417 15.96 -22.07 7.62
C GLY A 417 16.68 -23.06 6.73
N SER A 418 16.45 -22.96 5.40
CA SER A 418 17.11 -23.79 4.39
C SER A 418 18.57 -23.41 4.26
N GLY A 419 18.89 -22.14 4.50
CA GLY A 419 20.24 -21.60 4.46
C GLY A 419 20.61 -20.92 3.15
N LYS A 420 19.68 -20.88 2.17
CA LYS A 420 19.89 -20.31 0.83
C LYS A 420 20.40 -18.85 0.82
N THR A 421 19.94 -17.99 1.76
CA THR A 421 20.36 -16.57 1.85
C THR A 421 21.87 -16.43 2.19
N THR A 422 22.35 -17.25 3.14
CA THR A 422 23.74 -17.20 3.59
C THR A 422 24.69 -18.07 2.76
N GLN A 423 24.16 -19.15 2.10
CA GLN A 423 24.99 -20.12 1.40
C GLN A 423 25.25 -19.85 -0.05
N VAL A 424 24.22 -19.38 -0.80
CA VAL A 424 24.33 -19.11 -2.24
C VAL A 424 25.43 -18.03 -2.54
N PRO A 425 25.58 -16.92 -1.76
CA PRO A 425 26.69 -15.99 -2.03
C PRO A 425 28.06 -16.64 -1.86
N GLN A 426 28.16 -17.64 -0.95
CA GLN A 426 29.38 -18.41 -0.65
C GLN A 426 29.68 -19.38 -1.77
N PHE A 427 28.64 -20.06 -2.31
CA PHE A 427 28.74 -20.99 -3.44
C PHE A 427 29.31 -20.22 -4.67
N LEU A 428 28.78 -19.01 -4.92
CA LEU A 428 29.24 -18.11 -5.99
C LEU A 428 30.68 -17.66 -5.71
N TYR A 429 30.94 -17.15 -4.49
CA TYR A 429 32.28 -16.72 -4.09
C TYR A 429 33.32 -17.83 -4.35
N GLU A 430 33.01 -19.06 -3.96
CA GLU A 430 33.87 -20.22 -4.15
C GLU A 430 34.06 -20.61 -5.63
N ALA A 431 33.08 -20.29 -6.51
CA ALA A 431 33.17 -20.60 -7.95
C ALA A 431 33.96 -19.54 -8.75
N GLY A 432 34.39 -18.48 -8.07
CA GLY A 432 35.17 -17.41 -8.69
C GLY A 432 34.44 -16.10 -8.91
N PHE A 433 33.18 -15.98 -8.42
CA PHE A 433 32.43 -14.73 -8.51
C PHE A 433 33.07 -13.69 -7.56
N GLY A 434 33.41 -12.52 -8.11
CA GLY A 434 34.11 -11.47 -7.39
C GLY A 434 35.63 -11.55 -7.44
N ALA A 435 36.17 -12.61 -8.06
CA ALA A 435 37.63 -12.79 -8.17
C ALA A 435 38.21 -11.98 -9.35
N GLU A 436 39.24 -11.15 -9.09
CA GLU A 436 39.88 -10.35 -10.15
C GLU A 436 40.59 -11.20 -11.20
N ASP A 437 41.07 -12.40 -10.81
CA ASP A 437 41.73 -13.38 -11.68
C ASP A 437 40.72 -14.15 -12.57
N SER A 438 39.41 -13.93 -12.32
CA SER A 438 38.32 -14.57 -13.06
C SER A 438 38.07 -13.89 -14.43
N PRO A 439 38.18 -14.65 -15.55
CA PRO A 439 37.90 -14.04 -16.86
C PRO A 439 36.40 -13.83 -17.12
N ASP A 440 35.54 -14.53 -16.32
CA ASP A 440 34.10 -14.59 -16.43
C ASP A 440 33.31 -13.75 -15.46
N TYR A 441 33.65 -13.82 -14.15
CA TYR A 441 32.90 -13.13 -13.10
C TYR A 441 33.74 -12.20 -12.20
N PRO A 442 34.50 -11.24 -12.77
CA PRO A 442 35.32 -10.35 -11.93
C PRO A 442 34.54 -9.44 -10.98
N GLY A 443 33.31 -9.06 -11.37
CA GLY A 443 32.40 -8.21 -10.60
C GLY A 443 31.94 -8.81 -9.29
N MET A 444 31.41 -7.96 -8.41
CA MET A 444 30.90 -8.33 -7.09
C MET A 444 29.60 -9.14 -7.15
N VAL A 445 29.31 -9.82 -6.05
CA VAL A 445 28.04 -10.52 -5.80
C VAL A 445 27.25 -9.52 -4.95
N GLY A 446 26.09 -9.10 -5.45
CA GLY A 446 25.18 -8.22 -4.76
C GLY A 446 23.96 -9.00 -4.29
N ILE A 447 23.55 -8.80 -3.02
CA ILE A 447 22.37 -9.47 -2.42
C ILE A 447 21.45 -8.43 -1.80
N THR A 448 20.20 -8.35 -2.27
CA THR A 448 19.23 -7.44 -1.68
C THR A 448 18.37 -8.16 -0.62
N GLN A 449 17.94 -7.40 0.40
CA GLN A 449 17.04 -7.83 1.46
C GLN A 449 15.95 -6.75 1.52
N PRO A 450 14.69 -7.04 1.95
CA PRO A 450 13.70 -5.95 1.99
C PRO A 450 13.87 -5.01 3.19
N ARG A 451 14.69 -5.39 4.21
CA ARG A 451 14.93 -4.58 5.40
C ARG A 451 16.42 -4.36 5.68
N ARG A 452 16.78 -3.15 6.16
CA ARG A 452 18.15 -2.70 6.50
C ARG A 452 18.83 -3.58 7.54
N VAL A 453 18.08 -4.01 8.56
CA VAL A 453 18.58 -4.86 9.65
C VAL A 453 18.93 -6.27 9.11
N ALA A 454 18.12 -6.78 8.17
CA ALA A 454 18.34 -8.10 7.57
C ALA A 454 19.68 -8.15 6.78
N ALA A 455 19.98 -7.09 5.98
CA ALA A 455 21.20 -6.92 5.18
C ALA A 455 22.44 -6.88 6.06
N VAL A 456 22.39 -6.18 7.22
CA VAL A 456 23.50 -6.09 8.18
C VAL A 456 23.72 -7.43 8.90
N SER A 457 22.64 -8.04 9.44
CA SER A 457 22.76 -9.31 10.16
C SER A 457 23.18 -10.47 9.24
N MET A 458 22.77 -10.43 7.94
CA MET A 458 23.14 -11.41 6.92
C MET A 458 24.61 -11.27 6.53
N ALA A 459 25.09 -10.01 6.39
CA ALA A 459 26.50 -9.71 6.07
C ALA A 459 27.40 -10.18 7.21
N GLU A 460 26.94 -9.99 8.48
CA GLU A 460 27.65 -10.40 9.71
C GLU A 460 27.78 -11.93 9.74
N ARG A 461 26.68 -12.65 9.42
CA ARG A 461 26.63 -14.12 9.39
C ARG A 461 27.59 -14.70 8.35
N VAL A 462 27.51 -14.25 7.08
CA VAL A 462 28.35 -14.72 5.94
C VAL A 462 29.83 -14.38 6.15
N ALA A 463 30.14 -13.21 6.75
CA ALA A 463 31.52 -12.81 7.09
C ALA A 463 32.15 -13.84 8.03
N ASN A 464 31.40 -14.27 9.09
CA ASN A 464 31.85 -15.30 10.04
C ASN A 464 32.06 -16.63 9.27
N GLU A 465 31.02 -17.08 8.56
CA GLU A 465 30.99 -18.33 7.79
C GLU A 465 32.07 -18.46 6.73
N LEU A 466 32.48 -17.37 6.06
CA LEU A 466 33.53 -17.37 5.03
C LEU A 466 34.99 -17.50 5.59
N GLY A 467 35.13 -17.55 6.91
CA GLY A 467 36.42 -17.70 7.58
C GLY A 467 37.48 -16.70 7.18
N ASP A 468 38.64 -17.17 6.66
CA ASP A 468 39.78 -16.33 6.23
C ASP A 468 39.44 -15.36 5.06
N HIS A 469 38.25 -15.52 4.45
CA HIS A 469 37.75 -14.66 3.37
C HIS A 469 36.62 -13.77 3.87
N GLY A 470 36.39 -13.77 5.19
CA GLY A 470 35.32 -13.01 5.84
C GLY A 470 35.39 -11.51 5.63
N HIS A 471 36.60 -10.98 5.39
CA HIS A 471 36.88 -9.58 5.10
C HIS A 471 36.35 -9.16 3.70
N LYS A 472 35.95 -10.14 2.86
CA LYS A 472 35.39 -9.92 1.53
C LYS A 472 33.88 -9.59 1.56
N VAL A 473 33.26 -9.67 2.76
CA VAL A 473 31.83 -9.44 2.98
C VAL A 473 31.59 -8.06 3.56
N GLY A 474 30.60 -7.37 3.01
CA GLY A 474 30.17 -6.05 3.43
C GLY A 474 28.68 -5.86 3.19
N TYR A 475 28.15 -4.72 3.66
CA TYR A 475 26.74 -4.36 3.49
C TYR A 475 26.66 -2.89 3.10
N GLN A 476 25.54 -2.48 2.50
CA GLN A 476 25.23 -1.10 2.16
C GLN A 476 23.79 -0.83 2.55
N ILE A 477 23.56 0.05 3.54
CA ILE A 477 22.17 0.32 3.94
C ILE A 477 21.82 1.83 3.77
N ARG A 478 22.75 2.61 3.16
CA ARG A 478 22.63 4.03 2.84
C ARG A 478 23.12 4.28 1.40
N PHE A 479 22.58 5.31 0.72
CA PHE A 479 22.98 5.70 -0.65
C PHE A 479 24.31 6.43 -0.60
N ASP A 480 24.54 7.14 0.52
CA ASP A 480 25.71 7.96 0.88
C ASP A 480 27.04 7.21 0.90
N SER A 481 27.05 6.00 1.51
CA SER A 481 28.24 5.20 1.77
C SER A 481 28.90 4.61 0.52
N THR A 482 30.24 4.65 0.53
CA THR A 482 31.15 4.11 -0.49
C THR A 482 31.69 2.81 0.13
N ALA A 483 31.58 1.68 -0.61
CA ALA A 483 32.01 0.36 -0.15
C ALA A 483 33.53 0.27 0.08
N LYS A 484 33.95 -0.69 0.91
CA LYS A 484 35.36 -0.95 1.21
C LYS A 484 35.97 -1.75 0.06
N GLU A 485 37.24 -1.46 -0.28
CA GLU A 485 37.98 -2.12 -1.36
C GLU A 485 37.90 -3.67 -1.37
N ASP A 486 37.89 -4.31 -0.19
CA ASP A 486 37.83 -5.79 -0.13
C ASP A 486 36.43 -6.37 -0.35
N THR A 487 35.39 -5.54 -0.29
CA THR A 487 34.02 -6.00 -0.44
C THR A 487 33.76 -6.51 -1.86
N LYS A 488 33.49 -7.82 -1.92
CA LYS A 488 33.22 -8.62 -3.12
C LYS A 488 31.85 -9.32 -3.03
N VAL A 489 31.29 -9.41 -1.80
CA VAL A 489 29.98 -9.96 -1.47
C VAL A 489 29.30 -8.84 -0.70
N LYS A 490 28.32 -8.17 -1.32
CA LYS A 490 27.63 -7.06 -0.69
C LYS A 490 26.15 -7.28 -0.50
N PHE A 491 25.70 -7.25 0.76
CA PHE A 491 24.31 -7.34 1.15
C PHE A 491 23.80 -5.91 1.23
N MET A 492 22.64 -5.63 0.63
CA MET A 492 22.10 -4.27 0.61
C MET A 492 20.56 -4.33 0.61
N THR A 493 19.91 -3.16 0.56
CA THR A 493 18.45 -3.06 0.45
C THR A 493 18.12 -2.97 -1.04
N ASP A 494 16.84 -3.14 -1.42
CA ASP A 494 16.38 -3.02 -2.80
C ASP A 494 16.65 -1.57 -3.29
N GLY A 495 16.40 -0.60 -2.40
CA GLY A 495 16.57 0.85 -2.62
C GLY A 495 17.95 1.26 -3.06
N VAL A 496 18.99 0.68 -2.41
CA VAL A 496 20.41 0.87 -2.71
C VAL A 496 20.72 0.37 -4.11
N LEU A 497 20.18 -0.83 -4.49
CA LEU A 497 20.38 -1.38 -5.83
C LEU A 497 19.64 -0.56 -6.87
N LEU A 498 18.39 -0.14 -6.57
CA LEU A 498 17.60 0.70 -7.46
C LEU A 498 18.36 2.02 -7.76
N ARG A 499 18.94 2.67 -6.70
CA ARG A 499 19.73 3.88 -6.85
C ARG A 499 20.98 3.65 -7.70
N GLU A 500 21.65 2.49 -7.54
CA GLU A 500 22.84 2.12 -8.31
C GLU A 500 22.54 1.96 -9.80
N MET A 501 21.33 1.47 -10.12
CA MET A 501 20.84 1.32 -11.50
C MET A 501 20.54 2.69 -12.13
N MET A 502 20.25 3.72 -11.30
CA MET A 502 20.05 5.09 -11.79
C MET A 502 21.41 5.63 -12.30
N HIS A 503 22.50 5.38 -11.55
CA HIS A 503 23.86 5.81 -11.90
C HIS A 503 24.46 4.97 -13.05
N ASP A 504 24.22 3.64 -13.04
CA ASP A 504 24.70 2.70 -14.05
C ASP A 504 23.73 1.54 -14.19
N PHE A 505 22.79 1.64 -15.17
CA PHE A 505 21.76 0.62 -15.46
C PHE A 505 22.36 -0.77 -15.72
N LYS A 506 23.50 -0.82 -16.45
CA LYS A 506 24.24 -2.03 -16.78
C LYS A 506 24.82 -2.75 -15.55
N LEU A 507 25.01 -2.02 -14.42
CA LEU A 507 25.56 -2.55 -13.15
C LEU A 507 26.86 -3.34 -13.36
N THR A 508 27.76 -2.78 -14.19
CA THR A 508 29.07 -3.32 -14.60
C THR A 508 29.91 -3.82 -13.40
N LYS A 509 29.70 -3.22 -12.23
CA LYS A 509 30.32 -3.48 -10.94
C LYS A 509 30.07 -4.92 -10.48
N TYR A 510 28.91 -5.48 -10.86
CA TYR A 510 28.50 -6.82 -10.44
C TYR A 510 28.65 -7.90 -11.48
N SER A 511 28.90 -9.12 -11.02
CA SER A 511 28.95 -10.34 -11.83
C SER A 511 27.66 -11.04 -11.56
N SER A 512 27.07 -10.79 -10.39
CA SER A 512 25.86 -11.45 -9.94
C SER A 512 24.97 -10.57 -9.06
N ILE A 513 23.65 -10.85 -9.11
CA ILE A 513 22.61 -10.20 -8.33
C ILE A 513 21.63 -11.24 -7.76
N ILE A 514 21.53 -11.31 -6.42
CA ILE A 514 20.60 -12.18 -5.70
C ILE A 514 19.51 -11.30 -5.09
N ILE A 515 18.24 -11.55 -5.47
CA ILE A 515 17.08 -10.82 -4.97
C ILE A 515 16.38 -11.76 -3.99
N ASP A 516 16.64 -11.56 -2.70
CA ASP A 516 16.04 -12.40 -1.69
C ASP A 516 14.68 -11.90 -1.24
N GLU A 517 13.88 -12.80 -0.61
CA GLU A 517 12.55 -12.54 -0.03
C GLU A 517 11.54 -12.05 -1.07
N ALA A 518 11.64 -12.55 -2.33
CA ALA A 518 10.82 -12.14 -3.47
C ALA A 518 9.33 -12.56 -3.42
N HIS A 519 8.96 -13.49 -2.53
CA HIS A 519 7.58 -13.96 -2.31
C HIS A 519 6.76 -12.88 -1.57
N GLU A 520 7.44 -11.88 -0.93
CA GLU A 520 6.80 -10.78 -0.17
C GLU A 520 6.06 -9.87 -1.14
N ARG A 521 6.52 -9.86 -2.42
CA ARG A 521 5.98 -9.10 -3.53
C ARG A 521 5.91 -7.59 -3.21
N ASN A 522 6.95 -7.07 -2.50
CA ASN A 522 7.08 -5.65 -2.18
C ASN A 522 7.16 -4.91 -3.48
N ILE A 523 6.52 -3.73 -3.54
CA ILE A 523 6.45 -2.97 -4.78
C ILE A 523 7.87 -2.63 -5.34
N ASN A 524 8.81 -2.16 -4.52
CA ASN A 524 10.15 -1.83 -5.01
C ASN A 524 10.97 -3.05 -5.42
N THR A 525 10.67 -4.22 -4.85
CA THR A 525 11.33 -5.48 -5.20
C THR A 525 10.86 -5.92 -6.60
N ASP A 526 9.57 -5.70 -6.89
CA ASP A 526 8.97 -6.01 -8.18
C ASP A 526 9.52 -5.13 -9.28
N ILE A 527 9.71 -3.83 -9.00
CA ILE A 527 10.27 -2.87 -9.96
C ILE A 527 11.72 -3.26 -10.20
N LEU A 528 12.46 -3.56 -9.12
CA LEU A 528 13.85 -4.01 -9.21
C LEU A 528 14.02 -5.25 -10.14
N ILE A 529 13.16 -6.29 -9.99
CA ILE A 529 13.16 -7.51 -10.82
C ILE A 529 12.87 -7.16 -12.29
N GLY A 530 11.88 -6.27 -12.51
CA GLY A 530 11.53 -5.74 -13.83
C GLY A 530 12.71 -5.06 -14.49
N MET A 531 13.37 -4.17 -13.75
CA MET A 531 14.58 -3.46 -14.18
C MET A 531 15.72 -4.45 -14.51
N LEU A 532 15.94 -5.44 -13.62
CA LEU A 532 16.99 -6.44 -13.78
C LEU A 532 16.76 -7.36 -14.94
N SER A 533 15.49 -7.67 -15.31
CA SER A 533 15.19 -8.52 -16.48
C SER A 533 15.75 -7.85 -17.75
N ARG A 534 15.64 -6.52 -17.83
CA ARG A 534 16.15 -5.71 -18.92
C ARG A 534 17.71 -5.60 -18.84
N CYS A 535 18.24 -5.43 -17.61
CA CYS A 535 19.70 -5.34 -17.37
C CYS A 535 20.45 -6.63 -17.78
N VAL A 536 19.96 -7.81 -17.37
CA VAL A 536 20.52 -9.14 -17.69
C VAL A 536 20.52 -9.38 -19.22
N ARG A 537 19.46 -8.92 -19.91
CA ARG A 537 19.27 -9.05 -21.35
C ARG A 537 20.32 -8.24 -22.12
N LEU A 538 20.53 -6.98 -21.70
CA LEU A 538 21.50 -6.06 -22.26
C LEU A 538 22.92 -6.53 -21.95
N ARG A 539 23.18 -7.01 -20.72
CA ARG A 539 24.48 -7.60 -20.33
C ARG A 539 24.78 -8.82 -21.22
N ALA A 540 23.73 -9.63 -21.57
CA ALA A 540 23.85 -10.79 -22.45
C ALA A 540 24.23 -10.36 -23.89
N LYS A 541 23.59 -9.29 -24.43
CA LYS A 541 23.86 -8.80 -25.77
C LYS A 541 25.27 -8.24 -25.91
N LEU A 542 25.73 -7.49 -24.88
CA LEU A 542 27.06 -6.88 -24.86
C LEU A 542 28.15 -7.93 -24.71
N HIS A 543 27.87 -8.99 -23.92
CA HIS A 543 28.78 -10.11 -23.74
C HIS A 543 28.97 -10.88 -25.06
N LYS A 544 27.90 -11.05 -25.85
CA LYS A 544 27.95 -11.76 -27.13
C LYS A 544 28.74 -10.94 -28.18
N GLU A 545 28.76 -9.61 -28.06
CA GLU A 545 29.48 -8.70 -28.96
C GLU A 545 30.97 -8.74 -28.63
N ASN A 546 31.30 -8.65 -27.34
CA ASN A 546 32.66 -8.62 -26.84
C ASN A 546 32.75 -9.27 -25.46
N PRO A 547 33.12 -10.57 -25.40
CA PRO A 547 33.26 -11.25 -24.09
C PRO A 547 34.41 -10.76 -23.21
N ILE A 548 35.42 -10.08 -23.81
CA ILE A 548 36.61 -9.56 -23.11
C ILE A 548 36.20 -8.31 -22.34
N GLU A 549 35.62 -7.36 -23.06
CA GLU A 549 35.17 -6.09 -22.54
C GLU A 549 33.90 -6.25 -21.69
N HIS A 550 32.92 -7.06 -22.14
CA HIS A 550 31.64 -7.20 -21.47
C HIS A 550 31.37 -8.58 -20.85
N LYS A 551 31.12 -8.55 -19.56
CA LYS A 551 30.88 -9.71 -18.72
C LYS A 551 29.42 -10.03 -18.55
N LYS A 552 29.11 -11.32 -18.34
CA LYS A 552 27.75 -11.82 -18.12
C LYS A 552 27.21 -11.32 -16.77
N LEU A 553 25.89 -11.30 -16.62
CA LEU A 553 25.28 -10.95 -15.36
C LEU A 553 24.38 -12.09 -14.96
N LYS A 554 24.60 -12.61 -13.74
CA LYS A 554 23.81 -13.70 -13.21
C LYS A 554 22.77 -13.17 -12.28
N LEU A 555 21.50 -13.42 -12.61
CA LEU A 555 20.35 -13.03 -11.83
C LEU A 555 19.76 -14.25 -11.12
N ILE A 556 19.68 -14.15 -9.80
CA ILE A 556 19.10 -15.19 -8.96
C ILE A 556 17.97 -14.55 -8.17
N ILE A 557 16.73 -15.04 -8.38
CA ILE A 557 15.57 -14.57 -7.64
C ILE A 557 15.24 -15.63 -6.58
N MET A 558 15.19 -15.22 -5.31
CA MET A 558 14.91 -16.17 -4.23
C MET A 558 13.56 -15.95 -3.58
N SER A 559 12.87 -17.05 -3.26
CA SER A 559 11.52 -17.06 -2.69
C SER A 559 11.41 -18.11 -1.60
N ALA A 560 10.73 -17.75 -0.49
CA ALA A 560 10.53 -18.70 0.60
C ALA A 560 9.45 -19.74 0.19
N THR A 561 8.58 -19.39 -0.79
CA THR A 561 7.48 -20.24 -1.29
C THR A 561 7.65 -20.65 -2.77
N LEU A 562 6.78 -21.54 -3.27
CA LEU A 562 6.75 -22.05 -4.65
C LEU A 562 5.96 -21.14 -5.62
N ARG A 563 5.32 -20.11 -5.09
CA ARG A 563 4.48 -19.20 -5.85
C ARG A 563 5.34 -18.15 -6.53
N VAL A 564 5.94 -18.55 -7.68
CA VAL A 564 6.91 -17.78 -8.46
C VAL A 564 6.47 -17.60 -9.92
N SER A 565 5.25 -18.06 -10.28
CA SER A 565 4.71 -18.05 -11.66
C SER A 565 4.75 -16.67 -12.33
N ASP A 566 4.56 -15.58 -11.53
CA ASP A 566 4.62 -14.18 -11.99
C ASP A 566 6.04 -13.80 -12.42
N PHE A 567 7.06 -14.58 -11.99
CA PHE A 567 8.45 -14.44 -12.42
C PHE A 567 8.78 -15.50 -13.47
N SER A 568 8.63 -16.79 -13.14
CA SER A 568 8.97 -17.90 -14.05
C SER A 568 8.19 -17.94 -15.38
N GLU A 569 6.85 -17.74 -15.34
CA GLU A 569 6.00 -17.84 -16.55
C GLU A 569 5.64 -16.49 -17.23
N ASN A 570 6.27 -15.36 -16.81
CA ASN A 570 6.05 -14.03 -17.41
C ASN A 570 7.04 -13.85 -18.57
N LYS A 571 6.54 -13.83 -19.82
CA LYS A 571 7.33 -13.68 -21.06
C LYS A 571 7.82 -12.26 -21.34
N THR A 572 7.14 -11.23 -20.80
CA THR A 572 7.61 -9.82 -20.96
C THR A 572 8.86 -9.66 -20.06
N LEU A 573 8.84 -10.34 -18.91
CA LEU A 573 9.94 -10.36 -17.93
C LEU A 573 11.03 -11.28 -18.45
N PHE A 574 10.71 -12.57 -18.65
CA PHE A 574 11.68 -13.55 -19.13
C PHE A 574 11.16 -14.29 -20.40
N PRO A 575 11.57 -13.88 -21.64
CA PRO A 575 11.07 -14.56 -22.86
C PRO A 575 11.26 -16.08 -22.88
N ILE A 576 12.43 -16.56 -22.43
CA ILE A 576 12.71 -17.98 -22.22
C ILE A 576 12.65 -18.20 -20.69
N ALA A 577 11.73 -19.07 -20.24
CA ALA A 577 11.49 -19.35 -18.82
C ALA A 577 12.74 -19.79 -18.06
N PRO A 578 13.08 -19.07 -16.97
CA PRO A 578 14.26 -19.47 -16.18
C PRO A 578 13.96 -20.75 -15.34
N PRO A 579 14.98 -21.56 -14.98
CA PRO A 579 14.69 -22.74 -14.16
C PRO A 579 14.32 -22.35 -12.71
N VAL A 580 13.39 -23.09 -12.13
CA VAL A 580 12.90 -22.96 -10.76
C VAL A 580 13.47 -24.15 -10.02
N LEU A 581 14.28 -23.86 -9.01
CA LEU A 581 14.97 -24.88 -8.24
C LEU A 581 14.35 -25.00 -6.87
N GLN A 582 14.05 -26.24 -6.47
CA GLN A 582 13.47 -26.52 -5.15
C GLN A 582 14.56 -27.06 -4.27
N VAL A 583 14.85 -26.32 -3.20
CA VAL A 583 15.96 -26.60 -2.30
C VAL A 583 15.52 -27.32 -1.01
N ASP A 584 14.22 -27.25 -0.69
CA ASP A 584 13.70 -27.89 0.51
C ASP A 584 13.60 -29.39 0.41
N ALA A 585 13.67 -30.08 1.56
CA ALA A 585 13.43 -31.51 1.57
C ALA A 585 11.91 -31.68 1.52
N ARG A 586 11.43 -32.87 1.12
CA ARG A 586 9.99 -33.09 1.06
C ARG A 586 9.36 -33.09 2.43
N GLN A 587 8.17 -32.53 2.48
CA GLN A 587 7.33 -32.39 3.66
C GLN A 587 6.59 -33.70 3.93
N PHE A 588 5.79 -33.71 4.99
CA PHE A 588 4.96 -34.84 5.38
C PHE A 588 3.50 -34.53 5.01
N PRO A 589 2.64 -35.55 4.76
CA PRO A 589 1.22 -35.25 4.46
C PRO A 589 0.47 -34.53 5.60
N VAL A 590 -0.55 -33.76 5.23
CA VAL A 590 -1.43 -33.02 6.15
C VAL A 590 -2.88 -33.32 5.73
N SER A 591 -3.68 -33.87 6.67
CA SER A 591 -5.12 -34.13 6.46
C SER A 591 -5.86 -32.83 6.71
N ILE A 592 -6.65 -32.40 5.72
CA ILE A 592 -7.39 -31.15 5.76
C ILE A 592 -8.83 -31.43 6.15
N HIS A 593 -9.28 -30.74 7.21
CA HIS A 593 -10.61 -30.89 7.77
C HIS A 593 -11.34 -29.58 7.70
N PHE A 594 -12.37 -29.52 6.86
CA PHE A 594 -13.20 -28.31 6.77
C PHE A 594 -14.34 -28.45 7.77
N ASN A 595 -14.89 -27.32 8.20
CA ASN A 595 -16.04 -27.32 9.08
C ASN A 595 -17.29 -27.46 8.20
N ARG A 596 -18.40 -28.00 8.76
CA ARG A 596 -19.64 -28.12 8.00
C ARG A 596 -20.14 -26.70 7.61
N ARG A 597 -20.08 -25.77 8.56
CA ARG A 597 -20.51 -24.37 8.40
C ARG A 597 -19.35 -23.40 8.68
N THR A 598 -19.51 -22.14 8.25
CA THR A 598 -18.54 -21.07 8.44
C THR A 598 -19.08 -20.12 9.53
N ALA A 599 -18.50 -20.20 10.74
CA ALA A 599 -18.91 -19.40 11.89
C ALA A 599 -18.53 -17.94 11.73
N PHE A 600 -19.46 -17.04 12.12
CA PHE A 600 -19.21 -15.60 12.07
C PHE A 600 -18.17 -15.26 13.17
N ASN A 601 -18.40 -15.74 14.39
CA ASN A 601 -17.44 -15.51 15.46
C ASN A 601 -16.33 -16.57 15.38
N TYR A 602 -15.31 -16.26 14.56
CA TYR A 602 -14.19 -17.15 14.27
C TYR A 602 -13.20 -17.30 15.40
N THR A 603 -13.06 -16.29 16.27
CA THR A 603 -12.18 -16.36 17.44
C THR A 603 -12.83 -17.29 18.45
N ASP A 604 -14.17 -17.29 18.53
CA ASP A 604 -14.94 -18.18 19.39
C ASP A 604 -14.83 -19.63 18.86
N GLU A 605 -14.98 -19.81 17.54
CA GLU A 605 -14.84 -21.10 16.85
C GLU A 605 -13.40 -21.60 16.96
N ALA A 606 -12.40 -20.69 16.86
CA ALA A 606 -10.98 -21.05 16.99
C ALA A 606 -10.64 -21.51 18.38
N PHE A 607 -11.24 -20.85 19.41
CA PHE A 607 -11.03 -21.22 20.80
C PHE A 607 -11.66 -22.61 21.03
N ARG A 608 -12.88 -22.80 20.52
CA ARG A 608 -13.62 -24.05 20.63
C ARG A 608 -12.85 -25.22 20.01
N LYS A 609 -12.34 -25.04 18.77
CA LYS A 609 -11.57 -26.04 18.03
C LYS A 609 -10.25 -26.42 18.74
N THR A 610 -9.52 -25.42 19.28
CA THR A 610 -8.24 -25.57 19.96
C THR A 610 -8.40 -26.42 21.21
N CYS A 611 -9.44 -26.14 22.02
CA CYS A 611 -9.75 -26.89 23.24
C CYS A 611 -10.04 -28.37 22.92
N LYS A 612 -10.92 -28.64 21.92
CA LYS A 612 -11.26 -29.99 21.47
C LYS A 612 -10.02 -30.79 21.05
N ILE A 613 -9.08 -30.16 20.28
CA ILE A 613 -7.82 -30.79 19.88
C ILE A 613 -7.00 -31.17 21.13
N HIS A 614 -6.76 -30.19 22.03
CA HIS A 614 -6.00 -30.40 23.26
C HIS A 614 -6.59 -31.50 24.15
N GLN A 615 -7.89 -31.45 24.40
CA GLN A 615 -8.57 -32.43 25.25
C GLN A 615 -8.73 -33.84 24.67
N LYS A 616 -8.83 -33.98 23.34
CA LYS A 616 -9.11 -35.27 22.71
C LYS A 616 -7.99 -35.94 21.88
N LEU A 617 -7.04 -35.17 21.32
CA LEU A 617 -6.08 -35.77 20.39
C LEU A 617 -4.67 -36.09 20.95
N PRO A 618 -3.90 -37.01 20.30
CA PRO A 618 -2.58 -37.41 20.84
C PRO A 618 -1.50 -36.30 20.82
N PRO A 619 -0.32 -36.47 21.50
CA PRO A 619 0.71 -35.41 21.51
C PRO A 619 1.02 -34.70 20.18
N GLY A 620 1.39 -33.43 20.29
CA GLY A 620 1.73 -32.59 19.15
C GLY A 620 1.28 -31.16 19.37
N ALA A 621 2.17 -30.20 19.06
CA ALA A 621 1.90 -28.78 19.27
C ALA A 621 0.85 -28.24 18.29
N ILE A 622 0.09 -27.22 18.72
CA ILE A 622 -0.99 -26.58 18.00
C ILE A 622 -0.57 -25.19 17.50
N LEU A 623 -0.95 -24.86 16.26
CA LEU A 623 -0.69 -23.55 15.67
C LEU A 623 -2.00 -22.94 15.20
N VAL A 624 -2.40 -21.82 15.79
CA VAL A 624 -3.65 -21.13 15.45
C VAL A 624 -3.35 -19.87 14.62
N PHE A 625 -4.02 -19.74 13.48
CA PHE A 625 -3.84 -18.58 12.61
C PHE A 625 -4.99 -17.60 12.76
N LEU A 626 -4.73 -16.47 13.46
CA LEU A 626 -5.67 -15.36 13.67
C LEU A 626 -5.23 -14.14 12.81
N THR A 627 -5.93 -12.99 12.95
CA THR A 627 -5.63 -11.83 12.10
C THR A 627 -4.79 -10.72 12.74
N GLY A 628 -4.83 -10.60 14.07
CA GLY A 628 -4.10 -9.55 14.77
C GLY A 628 -3.78 -9.80 16.22
N GLN A 629 -2.95 -8.90 16.77
CA GLN A 629 -2.43 -8.90 18.14
C GLN A 629 -3.53 -8.97 19.24
N GLN A 630 -4.62 -8.18 19.09
CA GLN A 630 -5.69 -8.14 20.10
C GLN A 630 -6.50 -9.43 20.17
N GLU A 631 -6.73 -10.07 19.01
CA GLU A 631 -7.40 -11.37 18.93
C GLU A 631 -6.52 -12.43 19.59
N ILE A 632 -5.19 -12.37 19.31
CA ILE A 632 -4.16 -13.27 19.86
C ILE A 632 -4.14 -13.17 21.39
N THR A 633 -3.91 -11.94 21.95
CA THR A 633 -3.81 -11.63 23.39
C THR A 633 -5.05 -12.11 24.13
N HIS A 634 -6.25 -11.89 23.54
CA HIS A 634 -7.52 -12.34 24.12
C HIS A 634 -7.61 -13.88 24.19
N MET A 635 -7.25 -14.57 23.08
CA MET A 635 -7.26 -16.04 23.03
C MET A 635 -6.19 -16.69 23.89
N VAL A 636 -4.97 -16.10 23.92
CA VAL A 636 -3.86 -16.61 24.71
C VAL A 636 -4.27 -16.76 26.18
N LYS A 637 -4.87 -15.70 26.75
CA LYS A 637 -5.30 -15.70 28.16
C LYS A 637 -6.57 -16.54 28.38
N ARG A 638 -7.46 -16.63 27.37
CA ARG A 638 -8.66 -17.47 27.44
C ARG A 638 -8.26 -18.97 27.52
N LEU A 639 -7.20 -19.36 26.79
CA LEU A 639 -6.69 -20.74 26.80
C LEU A 639 -5.92 -21.06 28.09
N ARG A 640 -5.07 -20.12 28.56
CA ARG A 640 -4.29 -20.23 29.81
C ARG A 640 -5.25 -20.40 31.01
N LYS A 641 -6.40 -19.69 30.98
CA LYS A 641 -7.43 -19.77 32.02
C LYS A 641 -8.22 -21.07 31.93
N GLU A 642 -8.28 -21.67 30.72
CA GLU A 642 -9.00 -22.91 30.44
C GLU A 642 -8.27 -24.18 30.84
N PHE A 643 -6.95 -24.25 30.59
CA PHE A 643 -6.10 -25.40 30.93
C PHE A 643 -4.87 -24.94 31.71
N PRO A 644 -5.03 -24.48 32.98
CA PRO A 644 -3.85 -23.99 33.71
C PRO A 644 -2.96 -25.07 34.31
N PHE A 645 -1.84 -24.64 34.88
CA PHE A 645 -0.87 -25.48 35.59
C PHE A 645 -1.23 -25.54 37.09
N LYS A 646 -0.52 -26.36 37.88
CA LYS A 646 -0.77 -26.47 39.32
C LYS A 646 0.34 -25.81 40.12
N GLU A 710 -22.34 -31.24 16.39
CA GLU A 710 -22.49 -32.69 16.17
C GLU A 710 -21.13 -33.38 15.82
N GLU A 711 -21.13 -34.25 14.79
CA GLU A 711 -19.98 -35.02 14.30
C GLU A 711 -19.03 -34.09 13.50
N GLU A 712 -17.74 -34.03 13.92
CA GLU A 712 -16.70 -33.20 13.28
C GLU A 712 -15.61 -34.03 12.62
N GLU A 713 -14.93 -33.43 11.62
CA GLU A 713 -13.82 -34.07 10.93
C GLU A 713 -12.51 -33.91 11.71
N GLY A 714 -11.68 -34.96 11.71
CA GLY A 714 -10.36 -34.97 12.32
C GLY A 714 -10.27 -35.25 13.81
N PHE A 715 -11.27 -35.93 14.35
CA PHE A 715 -11.30 -36.27 15.76
C PHE A 715 -11.48 -37.80 15.97
N GLU A 716 -10.82 -38.60 15.12
CA GLU A 716 -10.88 -40.05 15.23
C GLU A 716 -9.80 -40.60 16.12
N GLU A 717 -8.67 -39.90 16.21
CA GLU A 717 -7.54 -40.29 17.05
C GLU A 717 -7.83 -40.08 18.54
N VAL A 718 -7.17 -40.87 19.40
CA VAL A 718 -7.40 -40.80 20.85
C VAL A 718 -6.13 -40.42 21.60
N LEU A 719 -6.30 -40.07 22.89
CA LEU A 719 -5.20 -39.73 23.78
C LEU A 719 -4.36 -41.00 24.04
N THR A 720 -3.04 -40.84 24.11
CA THR A 720 -2.07 -41.90 24.42
C THR A 720 -2.03 -42.08 25.96
N GLU A 721 -1.41 -43.17 26.49
CA GLU A 721 -1.30 -43.39 27.94
C GLU A 721 -0.43 -42.30 28.60
N GLY A 722 -0.86 -41.84 29.77
CA GLY A 722 -0.17 -40.79 30.51
C GLY A 722 -0.49 -39.41 30.01
N GLN A 723 -1.65 -39.27 29.34
CA GLN A 723 -2.18 -38.02 28.79
C GLN A 723 -3.65 -37.94 29.22
N THR A 724 -4.07 -36.75 29.68
CA THR A 724 -5.44 -36.51 30.16
C THR A 724 -6.11 -35.44 29.30
N ALA A 725 -7.41 -35.18 29.53
CA ALA A 725 -8.16 -34.18 28.79
C ALA A 725 -7.93 -32.81 29.42
N ASN A 726 -7.48 -32.77 30.69
CA ASN A 726 -7.28 -31.51 31.39
C ASN A 726 -5.80 -31.23 31.73
N ASP A 727 -4.88 -31.72 30.87
CA ASP A 727 -3.44 -31.47 30.96
C ASP A 727 -3.19 -29.95 30.81
N PRO A 728 -2.07 -29.36 31.30
CA PRO A 728 -1.91 -27.91 31.11
C PRO A 728 -1.58 -27.55 29.66
N LEU A 729 -1.87 -26.31 29.24
CA LEU A 729 -1.59 -25.86 27.90
C LEU A 729 -0.60 -24.68 27.97
N TYR A 730 0.65 -24.90 27.49
CA TYR A 730 1.67 -23.85 27.47
C TYR A 730 1.41 -22.96 26.24
N VAL A 731 0.70 -21.86 26.45
CA VAL A 731 0.31 -20.95 25.37
C VAL A 731 1.30 -19.81 25.20
N LEU A 732 1.56 -19.44 23.94
CA LEU A 732 2.47 -18.35 23.60
C LEU A 732 1.94 -17.53 22.40
N PRO A 733 2.04 -16.18 22.43
CA PRO A 733 1.65 -15.38 21.26
C PRO A 733 2.77 -15.32 20.22
N LEU A 734 2.42 -15.06 18.95
CA LEU A 734 3.40 -14.89 17.88
C LEU A 734 2.92 -13.89 16.86
N TYR A 735 3.51 -12.69 16.90
CA TYR A 735 3.25 -11.57 15.99
C TYR A 735 4.51 -10.73 15.83
N SER A 736 4.64 -10.04 14.68
CA SER A 736 5.83 -9.26 14.31
C SER A 736 6.27 -8.20 15.34
N LEU A 737 5.32 -7.58 16.07
CA LEU A 737 5.61 -6.53 17.06
C LEU A 737 6.17 -7.02 18.38
N LEU A 738 6.15 -8.33 18.64
CA LEU A 738 6.68 -8.89 19.88
C LEU A 738 8.20 -8.68 20.04
N PRO A 739 8.70 -8.48 21.30
CA PRO A 739 10.17 -8.42 21.49
C PRO A 739 10.81 -9.77 21.14
N THR A 740 12.06 -9.74 20.63
CA THR A 740 12.87 -10.89 20.20
C THR A 740 12.86 -12.03 21.23
N LYS A 741 13.00 -11.68 22.53
CA LYS A 741 13.02 -12.65 23.63
C LYS A 741 11.69 -13.38 23.81
N GLU A 742 10.57 -12.73 23.41
CA GLU A 742 9.24 -13.33 23.47
C GLU A 742 9.00 -14.20 22.25
N GLN A 743 9.43 -13.75 21.05
CA GLN A 743 9.35 -14.49 19.78
C GLN A 743 10.18 -15.79 19.85
N MET A 744 11.39 -15.72 20.45
CA MET A 744 12.31 -16.85 20.60
C MET A 744 11.78 -18.00 21.47
N ARG A 745 10.75 -17.73 22.29
CA ARG A 745 10.11 -18.71 23.17
C ARG A 745 9.29 -19.78 22.41
N VAL A 746 8.86 -19.48 21.17
CA VAL A 746 8.05 -20.42 20.37
C VAL A 746 8.85 -21.69 19.97
N PHE A 747 10.20 -21.63 20.10
CA PHE A 747 11.10 -22.75 19.76
C PHE A 747 11.44 -23.64 20.96
N GLN A 748 11.16 -23.17 22.19
CA GLN A 748 11.41 -23.94 23.42
C GLN A 748 10.44 -25.13 23.51
N LYS A 749 10.93 -26.26 24.02
CA LYS A 749 10.09 -27.44 24.24
C LYS A 749 9.16 -27.10 25.41
N PRO A 750 7.84 -27.39 25.34
CA PRO A 750 6.95 -27.05 26.47
C PRO A 750 7.27 -27.90 27.72
N PRO A 751 6.89 -27.47 28.94
CA PRO A 751 7.17 -28.31 30.13
C PRO A 751 6.59 -29.71 29.99
N GLN A 752 7.29 -30.72 30.56
CA GLN A 752 6.81 -32.10 30.49
C GLN A 752 5.41 -32.18 31.10
N GLY A 753 4.51 -32.89 30.43
CA GLY A 753 3.12 -33.03 30.87
C GLY A 753 2.19 -31.95 30.32
N SER A 754 2.72 -31.03 29.50
CA SER A 754 1.94 -29.94 28.90
C SER A 754 2.00 -29.94 27.35
N ARG A 755 1.13 -29.13 26.72
CA ARG A 755 1.06 -28.99 25.27
C ARG A 755 1.36 -27.58 24.83
N LEU A 756 2.27 -27.43 23.85
CA LEU A 756 2.58 -26.12 23.28
C LEU A 756 1.44 -25.72 22.32
N CYS A 757 0.89 -24.51 22.52
CA CYS A 757 -0.11 -23.91 21.63
C CYS A 757 0.38 -22.50 21.24
N ILE A 758 0.66 -22.31 19.93
CA ILE A 758 1.08 -21.02 19.40
C ILE A 758 -0.13 -20.30 18.79
N VAL A 759 -0.39 -19.07 19.24
CA VAL A 759 -1.47 -18.23 18.70
C VAL A 759 -0.78 -17.16 17.87
N ALA A 760 -0.95 -17.25 16.55
CA ALA A 760 -0.21 -16.40 15.64
C ALA A 760 -1.02 -15.71 14.55
N THR A 761 -0.36 -14.74 13.90
CA THR A 761 -0.81 -14.07 12.68
C THR A 761 -0.06 -14.82 11.58
N ASN A 762 -0.24 -14.40 10.30
CA ASN A 762 0.41 -15.02 9.14
C ASN A 762 1.95 -14.93 9.14
N VAL A 763 2.58 -14.45 10.24
CA VAL A 763 4.04 -14.47 10.37
C VAL A 763 4.51 -15.92 10.40
N ALA A 764 3.70 -16.80 11.04
CA ALA A 764 3.98 -18.24 11.19
C ALA A 764 3.75 -19.06 9.92
N GLU A 765 3.46 -18.37 8.79
CA GLU A 765 3.22 -18.95 7.47
C GLU A 765 4.53 -19.28 6.78
N THR A 766 5.56 -18.42 6.97
CA THR A 766 6.87 -18.54 6.31
C THR A 766 8.04 -18.35 7.27
N SER A 767 7.79 -18.43 8.60
CA SER A 767 8.82 -18.27 9.63
C SER A 767 9.63 -19.57 9.88
N LEU A 768 10.62 -19.50 10.78
CA LEU A 768 11.45 -20.62 11.21
C LEU A 768 10.50 -21.70 11.76
N THR A 769 10.78 -22.96 11.40
CA THR A 769 9.97 -24.12 11.79
C THR A 769 9.86 -24.25 13.33
N ILE A 770 8.62 -24.08 13.84
CA ILE A 770 8.27 -24.30 15.24
C ILE A 770 8.27 -25.84 15.33
N PRO A 771 9.16 -26.45 16.12
CA PRO A 771 9.22 -27.93 16.16
C PRO A 771 8.01 -28.59 16.80
N GLY A 772 7.72 -29.82 16.35
CA GLY A 772 6.65 -30.66 16.87
C GLY A 772 5.21 -30.25 16.61
N VAL A 773 4.96 -29.39 15.60
CA VAL A 773 3.59 -28.98 15.26
C VAL A 773 2.92 -30.11 14.47
N ARG A 774 1.76 -30.62 14.92
CA ARG A 774 1.00 -31.59 14.12
C ARG A 774 -0.48 -31.17 13.98
N TYR A 775 -0.84 -29.99 14.51
CA TYR A 775 -2.20 -29.43 14.44
C TYR A 775 -2.22 -27.95 14.08
N VAL A 776 -2.85 -27.60 12.97
CA VAL A 776 -3.03 -26.20 12.57
C VAL A 776 -4.53 -25.85 12.65
N VAL A 777 -4.90 -24.76 13.36
CA VAL A 777 -6.28 -24.25 13.43
C VAL A 777 -6.26 -23.03 12.53
N ASP A 778 -6.95 -23.12 11.38
CA ASP A 778 -6.94 -22.00 10.48
C ASP A 778 -8.27 -21.24 10.44
N SER A 779 -8.23 -19.93 10.76
CA SER A 779 -9.41 -19.05 10.70
C SER A 779 -9.76 -18.74 9.24
N GLY A 780 -8.76 -18.85 8.36
CA GLY A 780 -8.88 -18.55 6.94
C GLY A 780 -8.86 -17.08 6.59
N ARG A 781 -8.57 -16.23 7.56
CA ARG A 781 -8.58 -14.80 7.28
C ARG A 781 -7.31 -14.09 7.75
N SER A 782 -7.13 -12.87 7.20
CA SER A 782 -6.01 -11.97 7.48
C SER A 782 -6.45 -10.51 7.26
N LYS A 783 -5.75 -9.58 7.93
CA LYS A 783 -5.98 -8.15 7.77
C LYS A 783 -4.99 -7.66 6.70
N GLU A 784 -5.50 -7.28 5.53
CA GLU A 784 -4.64 -6.83 4.42
C GLU A 784 -5.14 -5.49 3.89
N ARG A 785 -4.20 -4.64 3.42
CA ARG A 785 -4.57 -3.36 2.82
C ARG A 785 -4.93 -3.61 1.36
N LYS A 786 -6.16 -3.22 0.97
CA LYS A 786 -6.70 -3.35 -0.40
C LYS A 786 -6.96 -1.96 -0.99
N TYR A 787 -6.79 -1.85 -2.30
CA TYR A 787 -7.03 -0.62 -3.05
C TYR A 787 -7.31 -0.99 -4.48
N ASN A 788 -8.42 -0.47 -5.04
CA ASN A 788 -8.79 -0.76 -6.42
C ASN A 788 -9.20 0.44 -7.25
N GLU A 789 -8.82 0.37 -8.56
CA GLU A 789 -9.09 1.33 -9.64
C GLU A 789 -10.41 0.91 -10.31
N SER A 790 -11.33 1.89 -10.47
CA SER A 790 -12.66 1.76 -11.07
C SER A 790 -13.67 1.03 -10.17
N ASN A 791 -13.18 0.37 -9.10
CA ASN A 791 -14.00 -0.36 -8.13
C ASN A 791 -14.32 0.45 -6.88
N GLY A 792 -13.58 1.54 -6.66
CA GLY A 792 -13.75 2.43 -5.51
C GLY A 792 -13.43 1.73 -4.20
N VAL A 793 -12.35 0.92 -4.22
CA VAL A 793 -11.87 0.14 -3.07
C VAL A 793 -10.64 0.83 -2.41
N GLN A 794 -10.68 0.88 -1.08
CA GLN A 794 -9.64 1.40 -0.19
C GLN A 794 -9.98 0.87 1.20
N SER A 795 -9.30 -0.22 1.60
CA SER A 795 -9.55 -0.85 2.88
C SER A 795 -8.27 -1.40 3.49
N PHE A 796 -8.16 -1.23 4.82
CA PHE A 796 -7.39 -2.12 5.65
C PHE A 796 -8.33 -2.84 6.60
N GLU A 797 -8.72 -4.08 6.24
CA GLU A 797 -9.64 -4.88 7.05
C GLU A 797 -9.46 -6.40 6.89
N VAL A 798 -10.15 -7.17 7.77
CA VAL A 798 -10.16 -8.64 7.79
C VAL A 798 -11.03 -9.16 6.65
N GLY A 799 -10.41 -9.98 5.81
CA GLY A 799 -11.07 -10.66 4.72
C GLY A 799 -10.53 -12.06 4.59
N TRP A 800 -11.16 -12.90 3.73
CA TRP A 800 -10.63 -14.23 3.47
C TRP A 800 -9.24 -14.11 2.86
N VAL A 801 -8.45 -15.14 3.07
CA VAL A 801 -7.10 -15.25 2.57
C VAL A 801 -7.20 -16.00 1.21
N SER A 802 -6.12 -16.07 0.43
CA SER A 802 -6.18 -16.80 -0.84
C SER A 802 -6.08 -18.32 -0.55
N LYS A 803 -6.39 -19.16 -1.54
CA LYS A 803 -6.28 -20.63 -1.43
C LYS A 803 -4.82 -21.01 -1.20
N ALA A 804 -3.92 -20.29 -1.88
CA ALA A 804 -2.48 -20.44 -1.80
C ALA A 804 -1.96 -20.22 -0.36
N SER A 805 -2.45 -19.16 0.33
CA SER A 805 -2.08 -18.86 1.72
C SER A 805 -2.68 -19.89 2.68
N ALA A 806 -3.92 -20.35 2.41
CA ALA A 806 -4.60 -21.38 3.21
C ALA A 806 -3.79 -22.67 3.17
N ASN A 807 -3.28 -23.04 1.97
CA ASN A 807 -2.48 -24.25 1.77
C ASN A 807 -1.13 -24.14 2.42
N GLN A 808 -0.51 -22.93 2.37
CA GLN A 808 0.76 -22.65 3.02
C GLN A 808 0.57 -22.81 4.55
N ARG A 809 -0.56 -22.31 5.11
CA ARG A 809 -0.92 -22.46 6.54
C ARG A 809 -1.08 -23.95 6.92
N SER A 810 -1.77 -24.73 6.06
CA SER A 810 -2.01 -26.17 6.21
C SER A 810 -0.69 -26.96 6.32
N GLY A 811 0.23 -26.74 5.37
CA GLY A 811 1.53 -27.39 5.28
C GLY A 811 2.46 -27.20 6.47
N ARG A 812 2.08 -26.28 7.37
CA ARG A 812 2.81 -25.97 8.59
C ARG A 812 2.66 -27.13 9.60
N ALA A 813 1.59 -27.94 9.45
CA ALA A 813 1.30 -29.12 10.29
C ALA A 813 2.05 -30.39 9.83
N GLY A 814 2.77 -30.33 8.70
CA GLY A 814 3.48 -31.50 8.17
C GLY A 814 4.97 -31.30 7.99
N ARG A 815 5.57 -30.54 8.90
CA ARG A 815 6.98 -30.19 8.86
C ARG A 815 7.86 -31.21 9.60
N THR A 816 7.39 -31.70 10.76
CA THR A 816 8.10 -32.68 11.58
C THR A 816 7.55 -34.10 11.42
N GLY A 817 6.31 -34.21 11.00
CA GLY A 817 5.60 -35.47 10.78
C GLY A 817 4.23 -35.27 10.17
N PRO A 818 3.50 -36.36 9.85
CA PRO A 818 2.15 -36.20 9.28
C PRO A 818 1.22 -35.47 10.24
N GLY A 819 0.57 -34.42 9.75
CA GLY A 819 -0.30 -33.62 10.61
C GLY A 819 -1.72 -33.43 10.15
N HIS A 820 -2.41 -32.54 10.86
CA HIS A 820 -3.81 -32.20 10.65
C HIS A 820 -3.99 -30.73 10.56
N CYS A 821 -4.92 -30.27 9.69
CA CYS A 821 -5.30 -28.87 9.56
C CYS A 821 -6.79 -28.71 9.66
N TYR A 822 -7.23 -27.87 10.58
CA TYR A 822 -8.64 -27.61 10.83
C TYR A 822 -9.02 -26.24 10.32
N ARG A 823 -9.70 -26.23 9.17
CA ARG A 823 -10.17 -25.03 8.47
C ARG A 823 -11.54 -24.63 9.06
N LEU A 824 -11.63 -23.41 9.64
CA LEU A 824 -12.87 -22.95 10.31
C LEU A 824 -13.87 -22.29 9.37
N TYR A 825 -14.09 -22.96 8.24
CA TYR A 825 -14.94 -22.57 7.12
C TYR A 825 -15.23 -23.81 6.33
N SER A 826 -16.30 -23.77 5.53
CA SER A 826 -16.74 -24.90 4.71
C SER A 826 -15.91 -25.02 3.43
N SER A 827 -16.00 -26.18 2.76
CA SER A 827 -15.31 -26.39 1.48
C SER A 827 -15.93 -25.52 0.37
N ALA A 828 -17.26 -25.21 0.46
CA ALA A 828 -17.93 -24.34 -0.54
C ALA A 828 -17.44 -22.88 -0.49
N VAL A 829 -17.30 -22.33 0.73
CA VAL A 829 -16.77 -20.98 0.96
C VAL A 829 -15.31 -20.97 0.49
N PHE A 830 -14.52 -22.01 0.82
CA PHE A 830 -13.13 -22.11 0.34
C PHE A 830 -13.07 -22.02 -1.19
N GLU A 831 -13.82 -22.91 -1.89
CA GLU A 831 -13.91 -22.98 -3.35
C GLU A 831 -14.36 -21.65 -3.99
N HIS A 832 -15.48 -21.08 -3.52
CA HIS A 832 -16.06 -19.89 -4.15
C HIS A 832 -15.64 -18.53 -3.61
N ASP A 833 -15.32 -18.39 -2.32
CA ASP A 833 -15.00 -17.07 -1.76
C ASP A 833 -13.50 -16.77 -1.60
N PHE A 834 -12.63 -17.80 -1.59
CA PHE A 834 -11.18 -17.59 -1.49
C PHE A 834 -10.64 -17.46 -2.91
N GLU A 835 -9.86 -16.42 -3.20
CA GLU A 835 -9.23 -16.27 -4.51
C GLU A 835 -8.12 -17.29 -4.59
N GLN A 836 -7.73 -17.73 -5.80
CA GLN A 836 -6.67 -18.72 -5.97
C GLN A 836 -5.33 -18.23 -5.46
N PHE A 837 -5.00 -16.98 -5.82
CA PHE A 837 -3.73 -16.37 -5.47
C PHE A 837 -3.90 -15.10 -4.69
N SER A 838 -2.88 -14.81 -3.88
CA SER A 838 -2.78 -13.63 -3.06
C SER A 838 -2.42 -12.46 -3.97
N LYS A 839 -3.03 -11.30 -3.73
CA LYS A 839 -2.77 -10.11 -4.52
C LYS A 839 -1.44 -9.44 -4.14
N PRO A 840 -0.49 -9.23 -5.09
CA PRO A 840 0.75 -8.51 -4.75
C PRO A 840 0.47 -7.03 -4.42
N GLU A 841 1.39 -6.37 -3.71
CA GLU A 841 1.27 -4.99 -3.26
C GLU A 841 0.96 -3.99 -4.38
N ILE A 842 1.55 -4.16 -5.59
CA ILE A 842 1.37 -3.33 -6.78
C ILE A 842 -0.10 -3.20 -7.25
N LEU A 843 -0.97 -4.11 -6.75
CA LEU A 843 -2.39 -4.22 -7.11
C LEU A 843 -3.27 -3.84 -5.91
N ARG A 844 -2.63 -3.50 -4.80
CA ARG A 844 -3.29 -3.11 -3.54
C ARG A 844 -2.84 -1.74 -3.07
N MET A 845 -2.38 -0.88 -4.01
N MET A 845 -2.40 -0.89 -4.01
CA MET A 845 -1.85 0.45 -3.71
CA MET A 845 -1.90 0.47 -3.74
C MET A 845 -2.18 1.42 -4.88
C MET A 845 -2.24 1.43 -4.88
N PRO A 846 -2.35 2.77 -4.66
CA PRO A 846 -2.68 3.67 -5.78
C PRO A 846 -1.68 3.60 -6.94
N VAL A 847 -2.18 3.48 -8.17
CA VAL A 847 -1.37 3.33 -9.39
C VAL A 847 -0.46 4.57 -9.60
N GLU A 848 -0.94 5.79 -9.27
CA GLU A 848 -0.16 7.05 -9.39
C GLU A 848 0.99 7.11 -8.37
N SER A 849 0.91 6.33 -7.27
CA SER A 849 2.00 6.23 -6.29
C SER A 849 3.12 5.39 -6.92
N ILE A 850 2.75 4.29 -7.61
CA ILE A 850 3.68 3.40 -8.31
C ILE A 850 4.37 4.17 -9.42
N VAL A 851 3.60 4.93 -10.25
CA VAL A 851 4.12 5.70 -11.37
C VAL A 851 5.10 6.82 -10.90
N LEU A 852 4.74 7.57 -9.83
CA LEU A 852 5.59 8.64 -9.29
C LEU A 852 6.89 8.11 -8.75
N GLN A 853 6.85 6.95 -8.06
CA GLN A 853 8.03 6.28 -7.53
C GLN A 853 8.97 5.91 -8.69
N MET A 854 8.43 5.29 -9.77
CA MET A 854 9.20 4.89 -10.94
C MET A 854 9.80 6.11 -11.69
N LYS A 855 9.02 7.21 -11.79
CA LYS A 855 9.43 8.45 -12.46
C LYS A 855 10.57 9.16 -11.74
N SER A 856 10.59 9.11 -10.40
CA SER A 856 11.65 9.70 -9.58
C SER A 856 12.96 8.90 -9.74
N MET A 857 12.85 7.65 -10.19
CA MET A 857 13.97 6.74 -10.41
C MET A 857 14.49 6.81 -11.83
N ALA A 858 13.88 7.69 -12.65
CA ALA A 858 14.13 7.96 -14.08
C ALA A 858 13.85 6.74 -14.98
N ILE A 859 12.73 6.05 -14.69
CA ILE A 859 12.20 4.95 -15.49
C ILE A 859 11.18 5.67 -16.37
N HIS A 860 11.51 5.85 -17.67
CA HIS A 860 10.70 6.63 -18.60
C HIS A 860 9.46 5.91 -19.13
N ASN A 861 9.63 4.76 -19.81
CA ASN A 861 8.49 4.04 -20.39
C ASN A 861 7.80 3.19 -19.32
N ILE A 862 6.64 3.67 -18.83
CA ILE A 862 5.85 3.01 -17.80
C ILE A 862 4.91 1.98 -18.42
N ILE A 863 4.20 2.36 -19.49
CA ILE A 863 3.24 1.53 -20.25
C ILE A 863 3.82 0.15 -20.60
N ASN A 864 5.07 0.09 -21.09
CA ASN A 864 5.69 -1.17 -21.47
C ASN A 864 6.77 -1.68 -20.49
N PHE A 865 6.72 -1.26 -19.20
CA PHE A 865 7.66 -1.74 -18.18
C PHE A 865 7.36 -3.23 -17.89
N PRO A 866 8.40 -4.10 -17.84
CA PRO A 866 8.14 -5.53 -17.58
C PRO A 866 7.79 -5.84 -16.12
N PHE A 867 6.58 -5.47 -15.66
CA PHE A 867 6.21 -5.76 -14.28
C PHE A 867 6.02 -7.26 -14.05
N PRO A 868 6.53 -7.85 -12.93
CA PRO A 868 6.21 -9.26 -12.62
C PRO A 868 4.68 -9.47 -12.61
N THR A 869 3.92 -8.51 -12.03
CA THR A 869 2.45 -8.42 -12.05
C THR A 869 2.09 -7.00 -12.50
N PRO A 870 1.69 -6.81 -13.78
CA PRO A 870 1.39 -5.46 -14.24
C PRO A 870 0.05 -4.87 -13.83
N PRO A 871 -0.02 -3.56 -13.46
CA PRO A 871 -1.34 -2.92 -13.29
C PRO A 871 -1.96 -2.76 -14.69
N ASP A 872 -3.27 -2.57 -14.76
CA ASP A 872 -4.02 -2.39 -16.02
C ASP A 872 -3.45 -1.22 -16.81
N ARG A 873 -3.37 -1.34 -18.15
CA ARG A 873 -2.85 -0.29 -19.04
C ARG A 873 -3.70 1.00 -18.95
N VAL A 874 -5.03 0.86 -18.82
CA VAL A 874 -5.97 1.98 -18.68
C VAL A 874 -5.69 2.73 -17.37
N ALA A 875 -5.45 1.98 -16.28
CA ALA A 875 -5.14 2.49 -14.96
C ALA A 875 -3.79 3.20 -14.94
N LEU A 876 -2.80 2.66 -15.68
CA LEU A 876 -1.44 3.22 -15.82
C LEU A 876 -1.55 4.58 -16.54
N SER A 877 -2.28 4.62 -17.66
CA SER A 877 -2.55 5.82 -18.49
C SER A 877 -3.25 6.91 -17.66
N LYS A 878 -4.23 6.50 -16.83
CA LYS A 878 -5.00 7.37 -15.93
C LYS A 878 -4.11 7.97 -14.82
N ALA A 879 -3.13 7.20 -14.31
CA ALA A 879 -2.17 7.57 -13.27
C ALA A 879 -1.19 8.62 -13.75
N ILE A 880 -0.74 8.50 -15.02
CA ILE A 880 0.21 9.45 -15.63
C ILE A 880 -0.51 10.79 -15.88
N GLN A 881 -1.78 10.73 -16.31
CA GLN A 881 -2.61 11.92 -16.55
C GLN A 881 -2.90 12.64 -15.27
N LEU A 882 -3.27 11.89 -14.20
CA LEU A 882 -3.50 12.45 -12.86
C LEU A 882 -2.26 13.22 -12.36
N LEU A 883 -1.07 12.64 -12.56
CA LEU A 883 0.18 13.24 -12.15
C LEU A 883 0.46 14.54 -12.88
N GLN A 884 0.03 14.66 -14.14
CA GLN A 884 0.13 15.89 -14.91
C GLN A 884 -0.86 16.93 -14.36
N TYR A 885 -2.08 16.49 -13.91
CA TYR A 885 -3.10 17.37 -13.28
C TYR A 885 -2.61 17.90 -11.92
N LEU A 886 -1.79 17.09 -11.21
CA LEU A 886 -1.21 17.43 -9.91
C LEU A 886 0.10 18.23 -10.04
N GLY A 887 0.65 18.33 -11.26
CA GLY A 887 1.90 19.02 -11.52
C GLY A 887 3.14 18.21 -11.14
N ALA A 888 2.97 16.88 -10.90
CA ALA A 888 4.06 15.99 -10.53
C ALA A 888 4.89 15.54 -11.73
N LEU A 889 4.28 15.54 -12.95
CA LEU A 889 4.88 15.25 -14.25
C LEU A 889 4.61 16.41 -15.20
N ASP A 890 5.54 16.74 -16.08
CA ASP A 890 5.36 17.83 -17.03
C ASP A 890 4.63 17.36 -18.32
N ASN A 891 4.53 18.24 -19.34
CA ASN A 891 3.86 17.94 -20.62
C ASN A 891 4.55 16.83 -21.46
N LYS A 892 5.82 16.52 -21.13
CA LYS A 892 6.64 15.47 -21.75
C LYS A 892 6.64 14.23 -20.86
N GLU A 893 5.80 14.25 -19.81
CA GLU A 893 5.61 13.21 -18.78
C GLU A 893 6.87 12.93 -17.97
N MET A 894 7.70 13.96 -17.74
CA MET A 894 8.93 13.87 -16.94
C MET A 894 8.62 14.39 -15.55
N ILE A 895 9.31 13.85 -14.51
CA ILE A 895 9.14 14.34 -13.15
C ILE A 895 9.58 15.82 -13.05
N THR A 896 8.78 16.60 -12.34
CA THR A 896 9.04 18.02 -12.11
C THR A 896 9.72 18.17 -10.75
N GLU A 897 10.06 19.41 -10.39
CA GLU A 897 10.59 19.70 -9.07
C GLU A 897 9.56 19.40 -7.96
N ASP A 898 8.25 19.67 -8.23
CA ASP A 898 7.18 19.35 -7.27
C ASP A 898 6.94 17.84 -7.13
N GLY A 899 7.10 17.10 -8.22
CA GLY A 899 6.94 15.65 -8.26
C GLY A 899 7.97 14.93 -7.41
N LYS A 900 9.22 15.44 -7.42
CA LYS A 900 10.35 14.98 -6.59
C LYS A 900 10.06 15.22 -5.10
N LYS A 901 9.49 16.39 -4.75
CA LYS A 901 9.13 16.74 -3.36
C LYS A 901 7.98 15.86 -2.89
N MET A 902 6.98 15.61 -3.78
CA MET A 902 5.83 14.75 -3.48
C MET A 902 6.26 13.30 -3.30
N SER A 903 7.30 12.86 -4.06
CA SER A 903 7.85 11.50 -3.96
C SER A 903 8.54 11.25 -2.60
N LEU A 904 8.85 12.32 -1.84
CA LEU A 904 9.43 12.27 -0.50
C LEU A 904 8.43 11.81 0.62
N PHE A 905 7.11 11.76 0.31
CA PHE A 905 6.08 11.36 1.29
C PHE A 905 5.51 9.98 1.08
N PRO A 906 5.20 9.23 2.18
CA PRO A 906 4.58 7.90 2.02
C PRO A 906 3.07 8.07 1.86
N LEU A 907 2.67 8.77 0.78
CA LEU A 907 1.28 9.15 0.55
C LEU A 907 0.89 9.04 -0.92
N SER A 908 -0.42 8.96 -1.19
CA SER A 908 -0.95 9.07 -2.54
C SER A 908 -0.56 10.46 -3.03
N PRO A 909 -0.08 10.61 -4.28
CA PRO A 909 0.35 11.94 -4.75
C PRO A 909 -0.71 13.03 -4.60
N ARG A 910 -2.02 12.65 -4.49
CA ARG A 910 -3.12 13.59 -4.29
C ARG A 910 -2.92 14.28 -2.99
N PHE A 911 -2.56 13.51 -1.95
CA PHE A 911 -2.30 14.00 -0.60
C PHE A 911 -1.00 14.80 -0.50
N SER A 912 0.05 14.37 -1.20
CA SER A 912 1.35 15.03 -1.25
C SER A 912 1.25 16.41 -1.91
N LYS A 913 0.39 16.53 -2.93
CA LYS A 913 0.08 17.77 -3.65
C LYS A 913 -0.51 18.77 -2.67
N MET A 914 -1.51 18.34 -1.89
CA MET A 914 -2.21 19.12 -0.86
C MET A 914 -1.21 19.70 0.14
N LEU A 915 -0.24 18.88 0.61
CA LEU A 915 0.85 19.30 1.49
C LEU A 915 1.70 20.40 0.87
N LEU A 916 2.11 20.25 -0.42
CA LEU A 916 2.91 21.25 -1.14
C LEU A 916 2.28 22.64 -1.22
N VAL A 917 0.94 22.72 -1.28
CA VAL A 917 0.21 23.98 -1.41
C VAL A 917 -0.35 24.49 -0.04
N SER A 918 -0.23 23.67 1.03
CA SER A 918 -0.77 23.98 2.35
C SER A 918 -0.06 25.09 3.17
N ASP A 919 1.23 25.39 2.92
CA ASP A 919 1.96 26.37 3.74
C ASP A 919 1.62 27.82 3.38
N GLU A 920 0.34 28.17 3.61
CA GLU A 920 -0.27 29.47 3.34
C GLU A 920 -1.27 29.73 4.47
N LYS A 921 -1.08 30.87 5.18
CA LYS A 921 -1.89 31.33 6.31
C LYS A 921 -2.04 30.25 7.38
N ALA A 922 -0.91 29.53 7.65
CA ALA A 922 -0.73 28.43 8.61
C ALA A 922 -1.76 27.27 8.48
N CYS A 923 -2.10 26.87 7.24
CA CYS A 923 -3.06 25.78 7.03
C CYS A 923 -2.44 24.38 7.06
N LEU A 924 -1.09 24.30 6.97
CA LEU A 924 -0.33 23.05 6.99
C LEU A 924 -0.76 22.04 8.10
N PRO A 925 -0.88 22.39 9.42
CA PRO A 925 -1.28 21.36 10.41
C PRO A 925 -2.65 20.74 10.15
N TYR A 926 -3.58 21.55 9.56
CA TYR A 926 -4.94 21.14 9.18
C TYR A 926 -4.90 20.18 8.01
N ILE A 927 -4.10 20.49 6.98
CA ILE A 927 -3.94 19.62 5.82
C ILE A 927 -3.29 18.27 6.23
N VAL A 928 -2.19 18.28 7.07
CA VAL A 928 -1.55 17.00 7.51
C VAL A 928 -2.58 16.14 8.25
N ALA A 929 -3.47 16.77 9.03
CA ALA A 929 -4.53 16.09 9.76
C ALA A 929 -5.55 15.46 8.82
N ILE A 930 -6.00 16.20 7.79
CA ILE A 930 -6.98 15.75 6.77
C ILE A 930 -6.43 14.59 5.95
N VAL A 931 -5.22 14.80 5.45
CA VAL A 931 -4.46 13.88 4.61
C VAL A 931 -4.19 12.53 5.35
N SER A 932 -3.90 12.59 6.68
CA SER A 932 -3.65 11.39 7.49
C SER A 932 -4.91 10.60 7.71
N ALA A 933 -6.01 11.32 7.96
CA ALA A 933 -7.35 10.79 8.17
C ALA A 933 -7.86 10.14 6.92
N LEU A 934 -7.74 10.82 5.75
CA LEU A 934 -8.15 10.26 4.44
C LEU A 934 -7.26 9.06 4.06
N SER A 935 -5.96 9.15 4.36
CA SER A 935 -5.02 8.07 4.06
C SER A 935 -5.28 6.77 4.85
N VAL A 936 -5.56 6.89 6.17
CA VAL A 936 -5.83 5.76 7.08
C VAL A 936 -7.21 5.13 6.82
N GLY A 937 -8.24 5.98 6.71
CA GLY A 937 -9.62 5.53 6.53
C GLY A 937 -10.58 6.23 7.47
N ASP A 938 -11.89 6.05 7.23
CA ASP A 938 -12.98 6.68 7.98
C ASP A 938 -13.11 6.15 9.42
N PRO A 939 -12.74 6.97 10.45
CA PRO A 939 -12.83 6.49 11.85
C PRO A 939 -14.25 6.54 12.43
N PHE A 940 -15.19 7.17 11.70
CA PHE A 940 -16.57 7.29 12.13
C PHE A 940 -17.30 6.02 11.81
N ILE A 941 -17.94 5.42 12.82
CA ILE A 941 -18.81 4.28 12.62
C ILE A 941 -20.16 4.93 12.34
N ASN A 942 -20.82 4.57 11.24
CA ASN A 942 -22.14 5.13 10.90
C ASN A 942 -23.24 4.18 11.37
N GLU A 943 -24.44 4.24 10.77
CA GLU A 943 -25.53 3.32 11.12
C GLU A 943 -25.28 1.91 10.53
N PHE A 944 -24.08 1.36 10.83
CA PHE A 944 -23.60 0.02 10.54
C PHE A 944 -24.13 -0.80 11.74
N GLU A 945 -25.11 -0.21 12.49
CA GLU A 945 -25.68 -0.76 13.72
C GLU A 945 -27.21 -0.65 13.81
N LEU A 946 -27.77 0.58 13.60
CA LEU A 946 -29.19 0.89 13.81
C LEU A 946 -29.80 1.97 12.91
N GLY A 947 -29.68 1.79 11.60
CA GLY A 947 -30.24 2.74 10.63
C GLY A 947 -30.10 2.29 9.19
N PRO A 977 -35.42 -1.86 19.27
CA PRO A 977 -36.64 -1.14 18.92
C PRO A 977 -36.66 0.28 19.50
N GLU A 978 -36.92 0.40 20.82
CA GLU A 978 -36.97 1.64 21.58
C GLU A 978 -35.52 2.06 21.94
N LEU A 979 -34.66 1.05 22.19
CA LEU A 979 -33.23 1.22 22.50
C LEU A 979 -32.46 1.64 21.23
N LYS A 980 -33.02 1.38 20.04
CA LYS A 980 -32.44 1.75 18.76
C LYS A 980 -32.61 3.25 18.49
N LYS A 981 -33.81 3.80 18.80
CA LYS A 981 -34.14 5.22 18.64
C LYS A 981 -33.33 6.08 19.62
N GLU A 982 -33.15 5.58 20.87
CA GLU A 982 -32.39 6.22 21.94
C GLU A 982 -30.93 6.42 21.57
N LEU A 983 -30.33 5.42 20.88
CA LEU A 983 -28.93 5.43 20.41
C LEU A 983 -28.69 6.38 19.24
N ARG A 984 -29.71 6.60 18.38
CA ARG A 984 -29.66 7.51 17.23
C ARG A 984 -29.56 8.97 17.74
N SER A 985 -30.24 9.26 18.88
CA SER A 985 -30.24 10.57 19.53
C SER A 985 -28.81 10.93 19.98
N LYS A 986 -28.09 9.93 20.56
CA LYS A 986 -26.71 10.05 21.03
C LYS A 986 -25.75 10.11 19.83
N PHE A 987 -26.08 9.37 18.74
CA PHE A 987 -25.35 9.28 17.49
C PHE A 987 -25.32 10.65 16.78
N TYR A 988 -26.51 11.24 16.51
CA TYR A 988 -26.65 12.54 15.84
C TYR A 988 -26.04 13.70 16.63
N LYS A 989 -26.18 13.69 17.98
CA LYS A 989 -25.63 14.69 18.91
C LYS A 989 -24.10 14.68 18.84
N SER A 990 -23.51 13.46 18.74
CA SER A 990 -22.07 13.23 18.62
C SER A 990 -21.59 13.72 17.25
N ARG A 991 -22.29 13.32 16.17
CA ARG A 991 -22.02 13.69 14.79
C ARG A 991 -22.07 15.21 14.56
N SER A 992 -23.02 15.91 15.19
CA SER A 992 -23.18 17.37 15.12
C SER A 992 -22.10 18.16 15.88
N GLN A 993 -21.44 17.50 16.86
CA GLN A 993 -20.37 18.12 17.65
CA GLN A 993 -20.35 18.08 17.67
C GLN A 993 -19.12 18.37 16.77
N PHE A 994 -18.97 17.56 15.68
CA PHE A 994 -17.87 17.64 14.71
C PHE A 994 -18.25 18.28 13.37
N SER A 995 -19.49 18.80 13.25
CA SER A 995 -20.06 19.40 12.03
C SER A 995 -20.15 20.93 12.09
N LYS A 996 -19.50 21.54 13.09
CA LYS A 996 -19.57 22.96 13.39
C LYS A 996 -18.75 23.91 12.49
N LEU A 997 -17.75 23.36 11.77
CA LEU A 997 -16.81 24.15 10.95
C LEU A 997 -17.37 24.64 9.61
N ASP A 998 -18.18 23.81 8.95
CA ASP A 998 -18.79 24.08 7.65
C ASP A 998 -20.03 23.21 7.53
N LYS A 999 -21.08 23.71 6.87
CA LYS A 999 -22.33 22.92 6.73
C LYS A 999 -22.36 22.01 5.47
N PHE A 1000 -21.35 22.13 4.59
CA PHE A 1000 -21.29 21.35 3.34
C PHE A 1000 -20.18 20.31 3.25
N SER A 1001 -19.23 20.33 4.19
CA SER A 1001 -18.00 19.53 4.08
C SER A 1001 -17.83 18.39 5.05
N ASP A 1002 -17.93 17.15 4.53
CA ASP A 1002 -17.67 15.95 5.34
C ASP A 1002 -16.21 15.86 5.72
N VAL A 1003 -15.31 16.49 4.93
CA VAL A 1003 -13.87 16.50 5.21
C VAL A 1003 -13.52 17.28 6.52
N PHE A 1004 -14.27 18.34 6.87
CA PHE A 1004 -14.00 19.13 8.08
C PHE A 1004 -14.59 18.47 9.33
N ARG A 1005 -15.44 17.43 9.14
CA ARG A 1005 -16.02 16.57 10.17
C ARG A 1005 -14.87 15.66 10.63
N LEU A 1006 -13.98 15.25 9.67
CA LEU A 1006 -12.76 14.47 9.92
C LEU A 1006 -11.73 15.32 10.67
N LEU A 1007 -11.48 16.55 10.20
CA LEU A 1007 -10.58 17.54 10.83
C LEU A 1007 -11.03 17.78 12.27
N SER A 1008 -12.34 17.98 12.52
CA SER A 1008 -12.88 18.22 13.85
C SER A 1008 -12.64 17.09 14.83
N VAL A 1009 -12.87 15.84 14.40
CA VAL A 1009 -12.72 14.66 15.27
C VAL A 1009 -11.23 14.38 15.55
N VAL A 1010 -10.35 14.59 14.56
CA VAL A 1010 -8.91 14.37 14.69
C VAL A 1010 -8.32 15.44 15.62
N SER A 1011 -8.83 16.68 15.54
CA SER A 1011 -8.40 17.79 16.38
C SER A 1011 -8.90 17.65 17.83
N ALA A 1012 -10.06 16.98 18.02
CA ALA A 1012 -10.68 16.74 19.32
C ALA A 1012 -9.87 15.69 20.10
N MET A 1013 -9.38 14.66 19.38
CA MET A 1013 -8.56 13.52 19.84
C MET A 1013 -7.32 13.97 20.66
N ASP A 1014 -6.60 15.01 20.17
CA ASP A 1014 -5.39 15.56 20.78
C ASP A 1014 -5.64 16.15 22.16
N TYR A 1015 -6.89 16.53 22.47
CA TYR A 1015 -7.24 17.11 23.76
C TYR A 1015 -7.87 16.09 24.71
N VAL A 1016 -7.93 14.83 24.27
CA VAL A 1016 -8.51 13.77 25.10
C VAL A 1016 -7.39 13.03 25.85
N PRO A 1017 -7.41 13.04 27.22
CA PRO A 1017 -6.38 12.33 28.00
C PRO A 1017 -6.36 10.82 27.73
N LYS A 1018 -5.17 10.19 27.83
CA LYS A 1018 -4.91 8.77 27.55
C LYS A 1018 -5.87 7.78 28.25
N GLU A 1019 -6.27 8.08 29.49
CA GLU A 1019 -7.19 7.22 30.24
C GLU A 1019 -8.63 7.30 29.68
N GLN A 1020 -9.06 8.53 29.30
CA GLN A 1020 -10.39 8.84 28.79
C GLN A 1020 -10.65 8.43 27.33
N LYS A 1021 -9.59 8.14 26.55
CA LYS A 1021 -9.62 7.76 25.13
C LYS A 1021 -10.69 6.76 24.75
N GLU A 1022 -10.78 5.63 25.47
CA GLU A 1022 -11.72 4.54 25.19
C GLU A 1022 -13.19 4.94 25.31
N ILE A 1023 -13.53 5.80 26.30
CA ILE A 1023 -14.89 6.29 26.51
C ILE A 1023 -15.23 7.35 25.44
N PHE A 1024 -14.21 8.11 24.99
CA PHE A 1024 -14.30 9.10 23.93
C PHE A 1024 -14.67 8.39 22.61
N MET A 1025 -14.15 7.15 22.40
CA MET A 1025 -14.48 6.35 21.22
C MET A 1025 -15.91 5.82 21.36
N LYS A 1026 -16.28 5.35 22.58
CA LYS A 1026 -17.60 4.79 22.86
C LYS A 1026 -18.74 5.82 22.72
N LYS A 1027 -18.62 6.98 23.39
CA LYS A 1027 -19.60 8.08 23.35
C LYS A 1027 -19.79 8.58 21.91
N ASN A 1028 -18.70 8.60 21.12
CA ASN A 1028 -18.71 9.13 19.77
C ASN A 1028 -18.75 8.07 18.64
N PHE A 1029 -18.94 6.76 18.94
CA PHE A 1029 -19.03 5.67 17.92
C PHE A 1029 -17.85 5.74 16.93
N LEU A 1030 -16.62 5.69 17.48
CA LEU A 1030 -15.34 5.84 16.77
C LEU A 1030 -14.47 4.56 16.75
N ARG A 1031 -13.74 4.35 15.62
CA ARG A 1031 -12.79 3.26 15.46
C ARG A 1031 -11.48 3.71 16.11
N GLY A 1032 -11.23 3.19 17.31
CA GLY A 1032 -10.06 3.50 18.14
C GLY A 1032 -8.73 3.26 17.47
N LYS A 1033 -8.55 2.08 16.85
CA LYS A 1033 -7.33 1.69 16.12
C LYS A 1033 -7.02 2.70 15.00
N LEU A 1034 -8.07 3.13 14.25
CA LEU A 1034 -7.98 4.11 13.15
C LEU A 1034 -7.55 5.49 13.67
N MET A 1035 -8.13 5.96 14.82
CA MET A 1035 -7.77 7.25 15.47
C MET A 1035 -6.29 7.27 15.91
N GLU A 1036 -5.82 6.18 16.56
CA GLU A 1036 -4.42 5.99 17.00
C GLU A 1036 -3.48 6.06 15.74
N GLU A 1037 -3.87 5.35 14.66
CA GLU A 1037 -3.15 5.30 13.38
C GLU A 1037 -3.03 6.69 12.72
N ILE A 1038 -4.11 7.52 12.77
CA ILE A 1038 -4.12 8.88 12.21
C ILE A 1038 -3.08 9.73 12.96
N VAL A 1039 -3.06 9.62 14.32
CA VAL A 1039 -2.08 10.31 15.18
C VAL A 1039 -0.64 9.85 14.78
N LYS A 1040 -0.46 8.54 14.50
CA LYS A 1040 0.82 7.97 14.06
C LYS A 1040 1.27 8.60 12.73
N LEU A 1041 0.39 8.59 11.69
CA LEU A 1041 0.69 9.16 10.37
C LEU A 1041 1.01 10.66 10.41
N ARG A 1042 0.23 11.46 11.17
CA ARG A 1042 0.45 12.91 11.33
C ARG A 1042 1.85 13.21 11.88
N LYS A 1043 2.31 12.39 12.85
CA LYS A 1043 3.63 12.50 13.45
C LYS A 1043 4.75 12.15 12.44
N GLN A 1044 4.51 11.12 11.59
CA GLN A 1044 5.43 10.68 10.54
C GLN A 1044 5.57 11.75 9.45
N LEU A 1045 4.45 12.43 9.06
CA LEU A 1045 4.44 13.50 8.05
C LEU A 1045 5.09 14.75 8.61
N MET A 1046 4.82 15.07 9.90
CA MET A 1046 5.43 16.20 10.60
C MET A 1046 6.95 16.01 10.68
N TYR A 1047 7.41 14.76 10.90
CA TYR A 1047 8.83 14.38 10.95
C TYR A 1047 9.50 14.65 9.58
N ILE A 1048 8.86 14.20 8.48
CA ILE A 1048 9.34 14.41 7.10
C ILE A 1048 9.43 15.92 6.76
N ILE A 1049 8.35 16.69 7.05
CA ILE A 1049 8.28 18.14 6.79
C ILE A 1049 9.40 18.91 7.53
N LYS A 1050 9.58 18.64 8.84
CA LYS A 1050 10.60 19.28 9.68
C LYS A 1050 12.03 18.88 9.28
N SER A 1051 12.26 17.58 8.97
CA SER A 1051 13.57 17.06 8.56
C SER A 1051 14.06 17.60 7.20
N ASN A 1052 13.14 18.16 6.38
CA ASN A 1052 13.45 18.76 5.08
C ASN A 1052 13.70 20.28 5.18
N THR A 1053 13.75 20.81 6.42
CA THR A 1053 14.00 22.25 6.69
C THR A 1053 15.36 22.40 7.42
N SER A 1054 16.43 21.83 6.82
CA SER A 1054 17.81 21.83 7.31
C SER A 1054 18.77 21.46 6.19
N ALA A 1059 18.50 16.11 14.44
CA ALA A 1059 17.53 15.12 14.91
C ALA A 1059 16.15 15.74 15.19
N VAL A 1060 15.07 15.02 14.78
CA VAL A 1060 13.67 15.46 14.92
C VAL A 1060 12.86 14.43 15.77
N VAL A 1061 12.12 14.91 16.81
CA VAL A 1061 11.26 14.08 17.68
C VAL A 1061 9.92 14.81 17.91
N ILE A 1062 8.86 14.33 17.23
CA ILE A 1062 7.50 14.88 17.28
C ILE A 1062 6.73 14.24 18.43
N ARG A 1063 6.23 15.07 19.36
CA ARG A 1063 5.43 14.62 20.51
C ARG A 1063 3.94 14.99 20.35
N ASN A 1064 3.05 14.24 21.05
CA ASN A 1064 1.60 14.41 21.02
C ASN A 1064 1.09 15.86 21.18
N GLU A 1065 1.88 16.71 21.86
CA GLU A 1065 1.59 18.13 22.11
C GLU A 1065 1.76 19.03 20.89
N ASP A 1066 2.67 18.64 19.95
CA ASP A 1066 3.00 19.37 18.71
C ASP A 1066 1.85 19.28 17.66
N LEU A 1067 0.90 18.35 17.89
CA LEU A 1067 -0.26 18.05 17.07
C LEU A 1067 -1.49 18.90 17.46
N LYS A 1068 -1.52 19.45 18.68
CA LYS A 1068 -2.61 20.29 19.18
C LYS A 1068 -2.69 21.61 18.40
N SER A 1069 -3.89 21.94 17.91
CA SER A 1069 -4.16 23.16 17.12
C SER A 1069 -5.49 23.81 17.52
N ASP A 1070 -5.69 25.07 17.12
CA ASP A 1070 -6.94 25.79 17.40
C ASP A 1070 -7.88 25.67 16.20
N ILE A 1071 -9.14 26.13 16.37
CA ILE A 1071 -10.17 26.08 15.33
C ILE A 1071 -9.77 26.92 14.09
N PRO A 1072 -9.85 26.39 12.85
CA PRO A 1072 -9.52 27.24 11.69
C PRO A 1072 -10.55 28.37 11.56
N SER A 1073 -10.10 29.55 11.11
CA SER A 1073 -10.91 30.73 10.85
C SER A 1073 -11.68 30.54 9.51
N VAL A 1074 -12.68 31.42 9.23
CA VAL A 1074 -13.51 31.42 8.01
C VAL A 1074 -12.61 31.51 6.75
N ILE A 1075 -11.58 32.40 6.76
CA ILE A 1075 -10.59 32.57 5.69
C ILE A 1075 -9.81 31.23 5.50
N GLN A 1076 -9.45 30.57 6.62
CA GLN A 1076 -8.70 29.33 6.60
C GLN A 1076 -9.47 28.15 6.03
N ILE A 1077 -10.76 27.97 6.39
CA ILE A 1077 -11.50 26.83 5.88
C ILE A 1077 -11.83 27.01 4.38
N LYS A 1078 -11.92 28.27 3.91
CA LYS A 1078 -12.14 28.64 2.51
C LYS A 1078 -10.90 28.19 1.70
N LEU A 1079 -9.72 28.51 2.22
CA LEU A 1079 -8.40 28.20 1.69
C LEU A 1079 -8.13 26.69 1.69
N LEU A 1080 -8.54 25.97 2.76
CA LEU A 1080 -8.38 24.52 2.88
C LEU A 1080 -9.12 23.79 1.79
N LYS A 1081 -10.34 24.26 1.42
CA LYS A 1081 -11.20 23.70 0.38
C LYS A 1081 -10.51 23.80 -0.98
N GLN A 1082 -9.77 24.91 -1.20
CA GLN A 1082 -8.98 25.22 -2.38
C GLN A 1082 -7.74 24.33 -2.43
N MET A 1083 -7.16 24.01 -1.24
CA MET A 1083 -5.98 23.14 -1.10
C MET A 1083 -6.40 21.71 -1.37
N ILE A 1084 -7.60 21.30 -0.88
CA ILE A 1084 -8.21 20.00 -1.17
C ILE A 1084 -8.46 19.89 -2.68
N CYS A 1085 -8.94 20.99 -3.30
CA CYS A 1085 -9.24 21.08 -4.73
C CYS A 1085 -8.01 20.79 -5.55
N ALA A 1086 -6.83 21.28 -5.14
CA ALA A 1086 -5.58 21.05 -5.85
C ALA A 1086 -5.22 19.57 -5.96
N GLY A 1087 -5.50 18.79 -4.91
CA GLY A 1087 -5.27 17.36 -4.91
C GLY A 1087 -6.35 16.56 -5.60
N PHE A 1088 -7.58 17.13 -5.69
CA PHE A 1088 -8.78 16.49 -6.22
C PHE A 1088 -9.48 17.27 -7.36
N VAL A 1089 -8.72 18.01 -8.18
CA VAL A 1089 -9.23 18.84 -9.28
C VAL A 1089 -10.06 18.04 -10.35
N ASP A 1090 -9.69 16.78 -10.60
CA ASP A 1090 -10.37 15.93 -11.58
C ASP A 1090 -11.58 15.22 -10.94
N HIS A 1091 -11.81 15.47 -9.64
CA HIS A 1091 -12.87 14.89 -8.84
C HIS A 1091 -13.86 15.92 -8.40
N VAL A 1092 -14.44 16.62 -9.36
CA VAL A 1092 -15.46 17.63 -9.12
C VAL A 1092 -16.70 17.19 -9.86
N ALA A 1093 -17.86 17.30 -9.17
CA ALA A 1093 -19.15 16.96 -9.72
C ALA A 1093 -20.08 18.19 -9.65
N VAL A 1094 -20.73 18.48 -10.75
CA VAL A 1094 -21.65 19.60 -10.80
C VAL A 1094 -23.05 19.07 -10.50
N ARG A 1095 -23.89 19.89 -9.82
CA ARG A 1095 -25.29 19.56 -9.58
C ARG A 1095 -25.94 19.47 -10.97
N ALA A 1096 -26.49 18.27 -11.31
CA ALA A 1096 -26.99 17.93 -12.65
C ALA A 1096 -27.95 18.93 -13.31
N ASP A 1097 -28.76 19.66 -12.51
CA ASP A 1097 -29.72 20.64 -13.04
C ASP A 1097 -29.08 21.88 -13.65
N VAL A 1098 -27.76 22.14 -13.42
CA VAL A 1098 -27.10 23.30 -14.05
C VAL A 1098 -26.79 22.94 -15.52
N LEU A 1099 -26.66 21.64 -15.84
CA LEU A 1099 -26.35 21.11 -17.17
C LEU A 1099 -27.58 20.53 -17.88
N PHE A 1100 -28.27 19.57 -17.23
CA PHE A 1100 -29.44 18.85 -17.77
C PHE A 1100 -30.68 18.96 -16.86
N PRO A 1101 -31.36 20.15 -16.75
CA PRO A 1101 -32.54 20.26 -15.86
C PRO A 1101 -33.69 19.27 -16.13
N ASP A 1102 -33.99 18.97 -17.40
CA ASP A 1102 -35.07 18.06 -17.80
C ASP A 1102 -34.84 16.62 -17.37
N ASP A 1103 -33.58 16.20 -17.39
CA ASP A 1103 -33.19 14.84 -17.06
C ASP A 1103 -32.99 14.66 -15.56
N ALA A 1104 -32.54 15.71 -14.86
CA ALA A 1104 -32.30 15.79 -13.43
C ALA A 1104 -33.61 15.61 -12.64
N LYS A 1105 -34.73 16.26 -13.10
CA LYS A 1105 -36.07 16.23 -12.52
C LYS A 1105 -36.05 16.59 -11.01
N ILE A 1106 -35.19 17.59 -10.67
CA ILE A 1106 -34.96 18.12 -9.33
C ILE A 1106 -35.97 19.23 -9.04
N THR A 1107 -36.75 19.05 -7.96
CA THR A 1107 -37.68 20.06 -7.47
C THR A 1107 -37.10 20.58 -6.16
N ASN A 1108 -37.74 21.58 -5.55
CA ASN A 1108 -37.35 22.12 -4.25
C ASN A 1108 -37.67 21.11 -3.13
N ARG A 1109 -38.56 20.13 -3.45
CA ARG A 1109 -39.05 19.05 -2.59
C ARG A 1109 -38.21 17.76 -2.59
N THR A 1110 -37.41 17.52 -3.66
CA THR A 1110 -36.52 16.34 -3.82
C THR A 1110 -35.59 16.21 -2.59
N SER A 1111 -35.43 14.96 -2.10
CA SER A 1111 -34.56 14.65 -0.97
C SER A 1111 -33.09 14.82 -1.40
N ILE A 1112 -32.20 15.10 -0.44
CA ILE A 1112 -30.79 15.33 -0.72
C ILE A 1112 -30.11 14.10 -1.35
N ILE A 1113 -30.48 12.88 -0.95
CA ILE A 1113 -29.89 11.66 -1.52
C ILE A 1113 -30.42 11.33 -2.94
N ASN A 1114 -31.46 12.09 -3.42
CA ASN A 1114 -32.05 11.89 -4.75
C ASN A 1114 -31.69 12.99 -5.74
N ILE A 1115 -30.91 14.00 -5.32
CA ILE A 1115 -30.47 15.10 -6.20
C ILE A 1115 -29.22 14.62 -6.95
N PRO A 1116 -29.29 14.43 -8.28
CA PRO A 1116 -28.10 13.93 -8.99
C PRO A 1116 -27.03 14.96 -9.27
N TYR A 1117 -25.80 14.43 -9.41
CA TYR A 1117 -24.59 15.18 -9.73
C TYR A 1117 -23.93 14.54 -10.93
N ILE A 1118 -23.14 15.32 -11.69
CA ILE A 1118 -22.40 14.81 -12.84
C ILE A 1118 -20.90 15.06 -12.68
N PRO A 1119 -20.10 13.96 -12.56
CA PRO A 1119 -18.65 14.12 -12.44
C PRO A 1119 -18.03 14.73 -13.70
N VAL A 1120 -17.05 15.65 -13.53
CA VAL A 1120 -16.34 16.22 -14.67
C VAL A 1120 -15.58 15.06 -15.34
N LEU A 1121 -15.43 15.12 -16.67
CA LEU A 1121 -14.73 14.16 -17.50
C LEU A 1121 -15.42 12.77 -17.57
N ALA A 1122 -16.69 12.64 -17.11
CA ALA A 1122 -17.45 11.38 -17.20
C ALA A 1122 -17.76 11.11 -18.67
N THR A 1123 -17.72 9.86 -19.11
CA THR A 1123 -17.97 9.53 -20.51
C THR A 1123 -19.44 9.50 -20.80
N ARG A 1124 -19.88 10.28 -21.80
CA ARG A 1124 -21.27 10.33 -22.20
C ARG A 1124 -21.75 9.04 -22.87
N THR A 1125 -23.03 8.78 -22.60
CA THR A 1125 -23.85 7.64 -22.98
C THR A 1125 -25.09 8.20 -23.66
N PRO A 1126 -25.97 7.38 -24.33
CA PRO A 1126 -27.20 7.95 -24.90
C PRO A 1126 -28.10 8.59 -23.83
N ASN A 1127 -28.09 8.01 -22.61
CA ASN A 1127 -28.86 8.42 -21.45
C ASN A 1127 -27.94 9.06 -20.42
N ILE A 1128 -28.14 10.36 -20.15
CA ILE A 1128 -27.31 11.13 -19.21
C ILE A 1128 -27.46 10.61 -17.76
N GLU A 1129 -28.62 9.96 -17.45
CA GLU A 1129 -28.87 9.34 -16.15
C GLU A 1129 -27.77 8.32 -15.76
N ASP A 1130 -27.03 7.75 -16.77
CA ASP A 1130 -25.93 6.80 -16.56
C ASP A 1130 -24.75 7.46 -15.88
N CYS A 1131 -24.59 8.77 -16.08
CA CYS A 1131 -23.50 9.57 -15.51
C CYS A 1131 -23.80 10.10 -14.10
N PHE A 1132 -25.07 9.98 -13.62
CA PHE A 1132 -25.53 10.50 -12.32
C PHE A 1132 -24.99 9.78 -11.14
N VAL A 1133 -24.47 10.57 -10.18
CA VAL A 1133 -23.93 10.15 -8.90
C VAL A 1133 -24.69 10.96 -7.82
N TYR A 1134 -24.81 10.41 -6.62
CA TYR A 1134 -25.66 10.96 -5.58
C TYR A 1134 -24.95 11.09 -4.25
N ILE A 1135 -25.43 12.06 -3.43
CA ILE A 1135 -24.93 12.32 -2.08
C ILE A 1135 -25.28 11.07 -1.22
N HIS A 1136 -24.35 10.65 -0.37
CA HIS A 1136 -24.51 9.51 0.52
C HIS A 1136 -25.43 9.88 1.69
N PRO A 1137 -26.35 8.96 2.13
CA PRO A 1137 -27.22 9.29 3.28
C PRO A 1137 -26.51 9.66 4.58
N THR A 1138 -25.26 9.19 4.79
CA THR A 1138 -24.46 9.50 5.98
C THR A 1138 -23.81 10.90 5.94
N SER A 1139 -23.85 11.58 4.76
CA SER A 1139 -23.27 12.91 4.56
C SER A 1139 -23.93 14.03 5.36
N ILE A 1140 -23.10 15.02 5.79
CA ILE A 1140 -23.51 16.22 6.52
C ILE A 1140 -24.57 16.99 5.69
N LEU A 1141 -24.45 16.88 4.35
CA LEU A 1141 -25.32 17.51 3.36
C LEU A 1141 -26.79 17.13 3.52
N ASN A 1142 -27.09 15.99 4.16
CA ASN A 1142 -28.47 15.54 4.42
C ASN A 1142 -29.25 16.43 5.37
N ASN A 1143 -28.52 17.19 6.21
CA ASN A 1143 -29.09 18.14 7.17
C ASN A 1143 -29.33 19.53 6.54
N LEU A 1144 -29.22 19.65 5.21
CA LEU A 1144 -29.41 20.94 4.55
C LEU A 1144 -30.87 21.27 4.37
N GLY A 1145 -31.19 22.55 4.56
CA GLY A 1145 -32.52 23.12 4.35
C GLY A 1145 -32.54 23.91 3.05
N GLU A 1146 -31.45 23.80 2.27
CA GLU A 1146 -31.29 24.48 0.99
C GLU A 1146 -30.88 23.50 -0.11
N MET A 1147 -30.92 23.98 -1.35
CA MET A 1147 -30.46 23.26 -2.52
C MET A 1147 -28.93 23.02 -2.34
N PRO A 1148 -28.46 21.76 -2.47
CA PRO A 1148 -27.03 21.47 -2.19
C PRO A 1148 -26.06 22.20 -3.15
N PRO A 1149 -24.73 22.24 -2.83
CA PRO A 1149 -23.80 23.03 -3.65
C PRO A 1149 -23.68 22.68 -5.12
N LYS A 1150 -23.54 23.70 -5.98
CA LYS A 1150 -23.38 23.57 -7.44
C LYS A 1150 -22.17 22.69 -7.78
N TYR A 1151 -21.02 22.87 -7.06
CA TYR A 1151 -19.79 22.09 -7.28
C TYR A 1151 -19.33 21.41 -6.02
N MET A 1152 -19.19 20.08 -6.10
CA MET A 1152 -18.78 19.23 -4.98
C MET A 1152 -17.55 18.44 -5.30
N LEU A 1153 -16.59 18.47 -4.39
CA LEU A 1153 -15.36 17.71 -4.47
C LEU A 1153 -15.63 16.35 -3.81
N TYR A 1154 -15.26 15.28 -4.49
CA TYR A 1154 -15.46 13.95 -3.97
C TYR A 1154 -14.18 13.18 -3.89
N TYR A 1155 -14.05 12.40 -2.84
CA TYR A 1155 -12.96 11.51 -2.60
C TYR A 1155 -13.04 10.32 -3.60
N SER A 1156 -14.20 9.64 -3.63
CA SER A 1156 -14.41 8.46 -4.49
C SER A 1156 -15.89 8.22 -4.76
N LEU A 1157 -16.19 7.39 -5.79
CA LEU A 1157 -17.51 6.99 -6.21
C LEU A 1157 -17.70 5.51 -5.86
N HIS A 1158 -18.86 5.16 -5.30
CA HIS A 1158 -19.16 3.78 -4.88
C HIS A 1158 -20.47 3.30 -5.53
N LEU A 1159 -20.44 2.13 -6.18
CA LEU A 1159 -21.64 1.54 -6.75
C LEU A 1159 -22.38 0.91 -5.57
N GLY A 1160 -23.43 1.62 -5.13
CA GLY A 1160 -24.24 1.30 -3.95
C GLY A 1160 -25.18 0.12 -4.08
N GLY A 1161 -25.79 -0.21 -2.94
CA GLY A 1161 -26.74 -1.32 -2.79
C GLY A 1161 -28.05 -1.13 -3.52
N ASN A 1162 -28.52 0.14 -3.61
CA ASN A 1162 -29.77 0.53 -4.30
C ASN A 1162 -29.58 0.68 -5.83
N ASN A 1163 -28.36 0.34 -6.33
CA ASN A 1163 -27.89 0.38 -7.72
C ASN A 1163 -27.46 1.80 -8.18
N LYS A 1164 -27.45 2.76 -7.24
CA LYS A 1164 -27.06 4.15 -7.44
C LYS A 1164 -25.59 4.34 -7.09
N THR A 1165 -24.86 5.10 -7.91
CA THR A 1165 -23.47 5.44 -7.58
C THR A 1165 -23.55 6.57 -6.56
N ARG A 1166 -22.85 6.40 -5.42
CA ARG A 1166 -22.84 7.38 -4.34
C ARG A 1166 -21.48 8.03 -4.24
N MET A 1167 -21.48 9.35 -4.02
CA MET A 1167 -20.25 10.11 -3.87
C MET A 1167 -19.80 9.99 -2.43
N ASN A 1168 -18.46 9.90 -2.22
CA ASN A 1168 -17.85 9.97 -0.91
C ASN A 1168 -17.37 11.43 -0.93
N THR A 1169 -18.20 12.34 -0.41
CA THR A 1169 -18.00 13.79 -0.50
C THR A 1169 -16.96 14.31 0.45
N LEU A 1170 -16.18 15.29 -0.03
CA LEU A 1170 -15.16 16.02 0.70
C LEU A 1170 -15.69 17.38 1.11
N CYS A 1171 -15.87 18.28 0.14
CA CYS A 1171 -16.33 19.66 0.38
C CYS A 1171 -16.87 20.28 -0.88
N ASP A 1172 -17.45 21.47 -0.74
CA ASP A 1172 -17.92 22.26 -1.86
C ASP A 1172 -16.77 23.15 -2.39
N ILE A 1173 -16.93 23.69 -3.61
CA ILE A 1173 -15.94 24.60 -4.20
C ILE A 1173 -16.69 25.65 -5.04
N ALA A 1174 -16.33 26.92 -4.87
CA ALA A 1174 -16.97 27.99 -5.66
C ALA A 1174 -16.29 28.11 -7.02
N SER A 1175 -16.92 28.85 -7.94
CA SER A 1175 -16.47 29.04 -9.33
C SER A 1175 -15.05 29.60 -9.50
N THR A 1176 -14.73 30.76 -8.89
CA THR A 1176 -13.41 31.39 -9.05
C THR A 1176 -12.31 30.57 -8.37
N PRO A 1177 -12.49 30.04 -7.11
CA PRO A 1177 -11.44 29.16 -6.55
C PRO A 1177 -11.20 27.90 -7.39
N LEU A 1178 -12.26 27.31 -7.98
CA LEU A 1178 -12.16 26.14 -8.88
C LEU A 1178 -11.39 26.54 -10.16
N ALA A 1179 -11.67 27.74 -10.70
CA ALA A 1179 -11.02 28.25 -11.91
C ALA A 1179 -9.53 28.42 -11.71
N ASN A 1180 -9.15 28.94 -10.54
CA ASN A 1180 -7.76 29.16 -10.17
C ASN A 1180 -6.99 27.85 -10.13
N ILE A 1181 -7.57 26.82 -9.47
CA ILE A 1181 -6.98 25.49 -9.32
C ILE A 1181 -6.97 24.72 -10.65
N ALA A 1182 -8.06 24.81 -11.42
CA ALA A 1182 -8.18 24.13 -12.73
C ALA A 1182 -7.22 24.74 -13.74
N ARG A 1183 -6.88 26.04 -13.60
CA ARG A 1183 -5.89 26.70 -14.47
C ARG A 1183 -4.52 26.06 -14.30
N LYS A 1184 -4.04 25.92 -13.04
CA LYS A 1184 -2.76 25.28 -12.69
C LYS A 1184 -2.82 23.75 -12.94
N GLY A 1185 -4.00 23.15 -12.77
CA GLY A 1185 -4.27 21.74 -12.96
C GLY A 1185 -4.54 21.31 -14.40
N LEU A 1186 -4.42 22.25 -15.36
CA LEU A 1186 -4.55 22.08 -16.83
C LEU A 1186 -5.89 21.52 -17.27
N LEU A 1187 -6.95 21.93 -16.57
CA LEU A 1187 -8.30 21.48 -16.87
C LEU A 1187 -9.22 22.64 -17.29
N LEU A 1188 -8.62 23.68 -17.90
CA LEU A 1188 -9.35 24.88 -18.31
C LEU A 1188 -8.97 25.36 -19.71
N THR A 1189 -10.00 25.84 -20.43
CA THR A 1189 -9.96 26.52 -21.73
C THR A 1189 -10.82 27.77 -21.51
N TYR A 1190 -10.70 28.76 -22.40
CA TYR A 1190 -11.40 30.04 -22.24
C TYR A 1190 -12.11 30.39 -23.50
N SER A 1191 -13.12 31.26 -23.40
CA SER A 1191 -13.87 31.74 -24.56
C SER A 1191 -13.13 32.95 -25.14
N LYS A 1192 -13.64 33.50 -26.24
CA LYS A 1192 -13.14 34.74 -26.82
C LYS A 1192 -13.57 35.90 -25.85
N PRO A 1193 -12.91 37.09 -25.85
CA PRO A 1193 -13.34 38.16 -24.95
C PRO A 1193 -14.83 38.47 -25.02
N LEU A 1194 -15.44 38.64 -23.84
CA LEU A 1194 -16.87 38.99 -23.71
C LEU A 1194 -17.09 40.45 -24.08
N THR A 1195 -18.29 40.75 -24.56
CA THR A 1195 -18.70 42.10 -24.91
C THR A 1195 -19.87 42.48 -24.00
N GLY A 1196 -19.78 43.65 -23.37
CA GLY A 1196 -20.83 44.09 -22.47
C GLY A 1196 -20.52 45.31 -21.63
N GLN A 1197 -21.50 45.70 -20.81
CA GLN A 1197 -21.46 46.83 -19.89
C GLN A 1197 -20.40 46.57 -18.81
N GLY A 1198 -19.35 47.41 -18.81
CA GLY A 1198 -18.23 47.32 -17.88
C GLY A 1198 -17.35 46.11 -18.04
N LEU A 1199 -17.51 45.39 -19.16
CA LEU A 1199 -16.79 44.17 -19.51
C LEU A 1199 -15.77 44.39 -20.64
N LYS A 1200 -15.84 45.56 -21.32
CA LYS A 1200 -15.01 45.98 -22.45
C LYS A 1200 -13.51 45.69 -22.31
N THR A 1201 -12.94 45.05 -23.35
CA THR A 1201 -11.53 44.68 -23.46
C THR A 1201 -10.63 45.91 -23.38
N VAL A 1202 -9.59 45.83 -22.55
CA VAL A 1202 -8.59 46.89 -22.37
C VAL A 1202 -7.24 46.35 -22.87
N ASN A 1203 -6.86 46.77 -24.09
CA ASN A 1203 -5.63 46.35 -24.78
C ASN A 1203 -4.44 47.24 -24.45
N LEU A 1204 -3.39 46.68 -23.81
CA LEU A 1204 -2.17 47.40 -23.45
C LEU A 1204 -1.17 47.49 -24.61
N SER A 1205 -1.30 46.56 -25.59
CA SER A 1205 -0.52 46.44 -26.83
C SER A 1205 -1.20 45.35 -27.71
N PRO A 1206 -0.85 45.15 -29.02
CA PRO A 1206 -1.52 44.08 -29.78
C PRO A 1206 -1.08 42.67 -29.35
N THR A 1207 -0.21 42.61 -28.32
CA THR A 1207 0.34 41.41 -27.71
C THR A 1207 -0.11 41.22 -26.22
N GLU A 1208 -0.74 42.26 -25.61
CA GLU A 1208 -1.16 42.24 -24.19
C GLU A 1208 -2.55 42.86 -23.96
N ARG A 1209 -3.38 42.20 -23.11
CA ARG A 1209 -4.74 42.66 -22.80
C ARG A 1209 -5.28 42.19 -21.44
N TYR A 1210 -6.39 42.83 -21.01
CA TYR A 1210 -7.17 42.50 -19.82
C TYR A 1210 -8.59 42.42 -20.32
N CYS A 1211 -9.24 41.25 -20.14
CA CYS A 1211 -10.60 41.06 -20.64
C CYS A 1211 -11.43 40.08 -19.80
N TYR A 1212 -12.70 39.95 -20.13
CA TYR A 1212 -13.58 39.00 -19.49
C TYR A 1212 -13.73 37.78 -20.38
N VAL A 1213 -13.57 36.61 -19.77
CA VAL A 1213 -13.72 35.34 -20.49
C VAL A 1213 -14.62 34.43 -19.67
N VAL A 1214 -15.22 33.47 -20.33
CA VAL A 1214 -16.00 32.42 -19.70
C VAL A 1214 -15.01 31.23 -19.63
N PRO A 1215 -14.58 30.80 -18.42
CA PRO A 1215 -13.69 29.62 -18.34
C PRO A 1215 -14.49 28.33 -18.55
N ARG A 1216 -13.92 27.37 -19.27
CA ARG A 1216 -14.54 26.09 -19.54
C ARG A 1216 -13.75 25.04 -18.80
N PHE A 1217 -14.40 24.39 -17.84
CA PHE A 1217 -13.81 23.38 -16.99
C PHE A 1217 -13.97 21.96 -17.54
N GLY A 1218 -12.86 21.26 -17.61
CA GLY A 1218 -12.77 19.86 -18.01
C GLY A 1218 -12.71 19.61 -19.49
N SER A 1219 -13.90 19.56 -20.14
CA SER A 1219 -14.09 19.25 -21.57
C SER A 1219 -14.92 20.33 -22.29
N THR A 1220 -14.52 20.69 -23.54
CA THR A 1220 -15.17 21.72 -24.37
C THR A 1220 -16.63 21.40 -24.76
N VAL A 1221 -17.39 22.45 -25.18
CA VAL A 1221 -18.77 22.35 -25.64
C VAL A 1221 -18.84 21.40 -26.87
N ASP A 1222 -17.85 21.53 -27.77
CA ASP A 1222 -17.66 20.75 -29.00
C ASP A 1222 -17.39 19.25 -28.73
N ASN A 1223 -16.53 18.95 -27.73
N ASN A 1223 -16.54 18.93 -27.73
CA ASN A 1223 -16.20 17.60 -27.27
CA ASN A 1223 -16.23 17.57 -27.31
C ASN A 1223 -17.23 17.22 -26.18
C ASN A 1223 -17.22 17.15 -26.21
N ASP A 1224 -18.52 17.10 -26.57
CA ASP A 1224 -19.63 16.80 -25.67
C ASP A 1224 -19.87 15.30 -25.36
N LEU A 1225 -18.88 14.41 -25.61
CA LEU A 1225 -19.02 13.01 -25.21
C LEU A 1225 -18.19 12.71 -23.91
N LYS A 1226 -17.67 13.78 -23.29
CA LYS A 1226 -16.98 13.82 -21.99
C LYS A 1226 -17.51 15.07 -21.30
N ILE A 1227 -17.97 14.93 -20.04
CA ILE A 1227 -18.57 16.03 -19.29
C ILE A 1227 -17.56 17.13 -18.92
N GLY A 1228 -17.98 18.35 -19.23
CA GLY A 1228 -17.29 19.59 -18.94
C GLY A 1228 -18.35 20.63 -18.72
N TRP A 1229 -17.99 21.82 -18.20
CA TRP A 1229 -18.95 22.90 -17.99
C TRP A 1229 -18.29 24.25 -17.84
N ASP A 1230 -19.06 25.31 -18.14
CA ASP A 1230 -18.58 26.68 -18.03
C ASP A 1230 -18.59 27.12 -16.57
N LEU A 1231 -17.65 27.99 -16.23
CA LEU A 1231 -17.60 28.62 -14.91
C LEU A 1231 -18.11 30.06 -15.07
N ASN A 1232 -18.22 30.81 -13.98
CA ASN A 1232 -18.67 32.21 -14.00
C ASN A 1232 -17.70 33.07 -14.81
N PRO A 1233 -18.21 34.05 -15.62
CA PRO A 1233 -17.29 34.92 -16.37
C PRO A 1233 -16.27 35.58 -15.43
N ILE A 1234 -15.00 35.67 -15.87
CA ILE A 1234 -13.94 36.20 -15.01
C ILE A 1234 -12.99 37.17 -15.77
N ALA A 1235 -12.48 38.20 -15.07
CA ALA A 1235 -11.48 39.14 -15.59
C ALA A 1235 -10.14 38.39 -15.66
N VAL A 1236 -9.44 38.54 -16.78
CA VAL A 1236 -8.22 37.80 -17.08
C VAL A 1236 -7.09 38.69 -17.66
N HIS A 1237 -5.82 38.40 -17.32
CA HIS A 1237 -4.67 39.09 -17.90
C HIS A 1237 -4.15 38.13 -18.98
N GLN A 1238 -4.16 38.58 -20.27
CA GLN A 1238 -3.73 37.75 -21.41
C GLN A 1238 -2.57 38.28 -22.24
N LYS A 1239 -1.68 37.36 -22.64
CA LYS A 1239 -0.52 37.68 -23.48
C LYS A 1239 -0.47 36.78 -24.71
N LYS A 1240 -0.34 37.39 -25.91
CA LYS A 1240 -0.26 36.69 -27.19
C LYS A 1240 1.14 36.08 -27.32
N GLN A 1241 1.23 34.79 -26.95
CA GLN A 1241 2.47 33.99 -26.97
C GLN A 1241 2.38 32.97 -28.10
N LYS A 1242 3.30 33.06 -29.10
CA LYS A 1242 3.38 32.20 -30.28
C LYS A 1242 2.11 32.27 -31.15
N GLY A 1243 1.54 33.48 -31.25
CA GLY A 1243 0.33 33.73 -32.03
C GLY A 1243 -0.98 33.45 -31.33
N GLN A 1244 -0.93 32.83 -30.12
CA GLN A 1244 -2.15 32.52 -29.35
C GLN A 1244 -2.15 33.15 -27.94
N TRP A 1245 -3.28 33.78 -27.55
CA TRP A 1245 -3.47 34.42 -26.25
C TRP A 1245 -3.45 33.40 -25.12
N THR A 1246 -2.63 33.68 -24.10
CA THR A 1246 -2.42 32.83 -22.94
C THR A 1246 -2.80 33.60 -21.68
N VAL A 1247 -3.55 32.95 -20.76
CA VAL A 1247 -3.98 33.52 -19.48
C VAL A 1247 -2.79 33.52 -18.50
N ILE A 1248 -2.34 34.73 -18.12
CA ILE A 1248 -1.23 34.91 -17.19
C ILE A 1248 -1.74 34.83 -15.76
N LYS A 1249 -2.89 35.49 -15.47
CA LYS A 1249 -3.50 35.50 -14.15
C LYS A 1249 -5.00 35.91 -14.19
N PHE A 1250 -5.72 35.66 -13.07
CA PHE A 1250 -7.09 36.08 -12.92
C PHE A 1250 -7.08 37.40 -12.18
N ILE A 1251 -8.03 38.26 -12.50
CA ILE A 1251 -8.14 39.60 -11.92
C ILE A 1251 -9.51 39.75 -11.23
N THR A 1252 -9.55 40.50 -10.12
CA THR A 1252 -10.77 40.80 -9.36
C THR A 1252 -11.55 41.85 -10.13
N ARG A 1253 -12.81 42.12 -9.72
CA ARG A 1253 -13.62 43.17 -10.33
C ARG A 1253 -12.94 44.55 -10.12
N LYS A 1254 -12.41 44.81 -8.89
CA LYS A 1254 -11.71 46.06 -8.52
C LYS A 1254 -10.41 46.20 -9.32
N GLY A 1255 -9.66 45.10 -9.45
CA GLY A 1255 -8.41 45.04 -10.21
C GLY A 1255 -8.61 45.42 -11.66
N PHE A 1256 -9.70 44.91 -12.28
CA PHE A 1256 -10.08 45.18 -13.67
C PHE A 1256 -10.46 46.65 -13.81
N GLN A 1257 -11.33 47.17 -12.92
CA GLN A 1257 -11.78 48.56 -12.86
C GLN A 1257 -10.60 49.57 -12.81
N THR A 1258 -9.54 49.26 -12.02
CA THR A 1258 -8.35 50.12 -11.96
C THR A 1258 -7.61 50.12 -13.30
N ILE A 1259 -7.42 48.95 -13.94
CA ILE A 1259 -6.78 48.82 -15.26
C ILE A 1259 -7.59 49.58 -16.34
N THR A 1260 -8.94 49.50 -16.32
CA THR A 1260 -9.80 50.23 -17.27
C THR A 1260 -9.71 51.76 -17.03
N GLY A 1261 -9.41 52.15 -15.79
CA GLY A 1261 -9.23 53.54 -15.38
C GLY A 1261 -7.87 54.08 -15.76
N GLU A 1262 -6.83 53.22 -15.69
CA GLU A 1262 -5.45 53.54 -16.06
C GLU A 1262 -5.29 53.78 -17.56
N GLU A 1263 -6.13 53.11 -18.38
CA GLU A 1263 -6.17 53.24 -19.83
C GLU A 1263 -7.34 54.16 -20.23
C1 EDO B . -25.34 25.27 -1.76
O1 EDO B . -26.03 24.72 -0.67
C2 EDO B . -24.02 25.95 -1.37
O2 EDO B . -23.56 26.68 -2.47
C1 EDO C . -20.53 25.19 -4.61
O1 EDO C . -20.24 25.78 -5.85
C2 EDO C . -20.45 26.28 -3.53
O2 EDO C . -21.01 25.79 -2.34
C1 EDO D . 24.56 -19.19 -20.04
O1 EDO D . 24.98 -18.01 -19.39
C2 EDO D . 23.50 -18.86 -21.09
O2 EDO D . 24.08 -18.02 -22.08
C1 EDO E . -21.08 19.14 -22.07
O1 EDO E . -21.87 18.70 -20.97
C2 EDO E . -19.80 18.27 -22.12
O2 EDO E . -18.81 18.79 -23.00
C1 EDO F . 28.95 -21.96 -12.40
O1 EDO F . 30.17 -22.61 -12.09
C2 EDO F . 29.22 -20.60 -13.09
O2 EDO F . 29.73 -20.79 -14.41
C1 EDO G . 2.00 20.54 -15.19
O1 EDO G . 1.80 19.23 -15.74
C2 EDO G . 3.49 20.76 -14.80
O2 EDO G . 4.32 20.85 -15.96
C1 EDO H . 2.19 -20.76 29.67
O1 EDO H . 1.02 -20.50 28.94
C2 EDO H . 3.16 -19.56 29.60
O2 EDO H . 2.89 -18.62 30.65
C1 EDO I . -7.96 9.92 -17.69
O1 EDO I . -7.05 9.00 -18.29
C2 EDO I . -7.85 11.30 -18.40
O2 EDO I . -8.36 12.35 -17.59
C1 EDO J . -7.91 10.56 -13.51
O1 EDO J . -7.85 10.50 -12.10
C2 EDO J . -6.83 11.49 -14.03
O2 EDO J . -6.25 10.84 -15.12
C1 EDO K . 19.06 -18.58 6.17
O1 EDO K . 20.30 -17.97 5.90
C2 EDO K . 18.27 -18.72 4.82
O2 EDO K . 17.13 -19.57 5.01
C1 EDO L . 8.23 23.65 -9.10
O1 EDO L . 9.56 24.16 -9.06
C2 EDO L . 8.03 22.92 -10.44
O2 EDO L . 7.39 21.68 -10.19
C1 EDO M . 36.61 -10.09 -28.62
O1 EDO M . 37.45 -9.00 -28.25
C2 EDO M . 35.61 -9.61 -29.70
O2 EDO M . 34.64 -10.62 -29.94
C1 EDO N . -20.99 6.81 -16.44
O1 EDO N . -20.06 7.91 -16.47
C2 EDO N . -20.55 5.71 -17.44
O2 EDO N . -20.35 6.23 -18.75
C1 EDO O . 27.05 2.97 -8.46
O1 EDO O . 26.14 3.92 -7.91
C2 EDO O . 26.67 2.65 -9.93
O2 EDO O . 26.37 1.27 -10.09
MG MG P . -1.26 13.68 -20.87
CL CL Q . -19.83 10.86 2.56
CL CL R . 30.41 -3.20 5.72
CL CL S . -4.47 -2.37 -11.60
CL CL T . -14.63 12.39 3.64
#